data_7Z3T
#
_entry.id   7Z3T
#
_cell.length_a   56.940
_cell.length_b   62.140
_cell.length_c   67.470
_cell.angle_alpha   105.166
_cell.angle_beta   94.226
_cell.angle_gamma   115.576
#
_symmetry.space_group_name_H-M   'P 1'
#
loop_
_entity.id
_entity.type
_entity.pdbx_description
1 polymer 'Cathepsin L'
2 non-polymer DI(HYDROXYETHYL)ETHER
3 non-polymer 'TRIETHYLENE GLYCOL'
4 non-polymer 1,2-ETHANEDIOL
5 non-polymer 'PENTAETHYLENE GLYCOL'
6 water water
#
_entity_poly.entity_id   1
_entity_poly.type   'polypeptide(L)'
_entity_poly.pdbx_seq_one_letter_code
;APRSVDWREKGYVTPVKNQGQCGS(CSO)WAFSATGALEGQMFRKTGRLISLSEQNLVDCSGPQGNEGCNGGLMDYAFQY
VQDNGGLDSEESYPYEATEESCKYNPKYSVANDAGFVDIPKQEKALMKAVATVGPISVAIDAGHESFLFYKEGIYFEPDC
SSEDMDHGVLVVGYGFESTESDNNKYWLVKNSWGEEWGMGGYVKMAKDRRNHCGIASAASYPTV
;
_entity_poly.pdbx_strand_id   A,B,C,D
#
loop_
_chem_comp.id
_chem_comp.type
_chem_comp.name
_chem_comp.formula
1PE non-polymer 'PENTAETHYLENE GLYCOL' 'C10 H22 O6'
EDO non-polymer 1,2-ETHANEDIOL 'C2 H6 O2'
PEG non-polymer DI(HYDROXYETHYL)ETHER 'C4 H10 O3'
PGE non-polymer 'TRIETHYLENE GLYCOL' 'C6 H14 O4'
#
# COMPACT_ATOMS: atom_id res chain seq x y z
N ALA A 1 6.14 -20.84 -6.55
CA ALA A 1 5.65 -19.67 -7.33
C ALA A 1 6.17 -18.40 -6.67
N PRO A 2 6.13 -17.29 -7.40
CA PRO A 2 6.49 -16.00 -6.78
C PRO A 2 5.52 -15.66 -5.66
N ARG A 3 5.96 -14.77 -4.77
N ARG A 3 5.95 -14.77 -4.78
CA ARG A 3 5.09 -14.26 -3.71
CA ARG A 3 5.08 -14.27 -3.73
C ARG A 3 4.19 -13.14 -4.22
C ARG A 3 4.22 -13.11 -4.19
N SER A 4 4.64 -12.41 -5.24
CA SER A 4 3.92 -11.28 -5.79
C SER A 4 4.04 -11.31 -7.31
N VAL A 5 2.93 -11.00 -7.98
CA VAL A 5 2.83 -10.99 -9.43
C VAL A 5 1.94 -9.81 -9.81
N ASP A 6 2.34 -9.01 -10.80
CA ASP A 6 1.46 -7.95 -11.31
C ASP A 6 1.69 -7.82 -12.81
N TRP A 7 0.75 -8.35 -13.59
CA TRP A 7 0.92 -8.37 -15.04
C TRP A 7 0.75 -6.99 -15.65
N ARG A 8 0.17 -6.04 -14.90
CA ARG A 8 0.10 -4.68 -15.40
C ARG A 8 1.49 -4.11 -15.64
N GLU A 9 2.44 -4.44 -14.77
CA GLU A 9 3.79 -3.91 -14.92
C GLU A 9 4.52 -4.51 -16.11
N LYS A 10 4.02 -5.60 -16.68
CA LYS A 10 4.62 -6.23 -17.85
C LYS A 10 3.93 -5.84 -19.15
N GLY A 11 2.89 -5.02 -19.08
CA GLY A 11 2.23 -4.50 -20.26
C GLY A 11 1.07 -5.32 -20.77
N TYR A 12 0.56 -6.25 -19.98
CA TYR A 12 -0.45 -7.20 -20.43
C TYR A 12 -1.87 -6.69 -20.32
N VAL A 13 -2.11 -5.54 -19.71
CA VAL A 13 -3.45 -5.19 -19.23
C VAL A 13 -3.85 -3.82 -19.75
N THR A 14 -5.03 -3.76 -20.37
CA THR A 14 -5.59 -2.49 -20.83
C THR A 14 -6.19 -1.73 -19.65
N PRO A 15 -6.54 -0.47 -19.85
CA PRO A 15 -7.17 0.30 -18.75
C PRO A 15 -8.53 -0.26 -18.39
N VAL A 16 -9.02 0.18 -17.23
CA VAL A 16 -10.29 -0.30 -16.70
C VAL A 16 -11.43 0.20 -17.59
N LYS A 17 -12.37 -0.69 -17.89
CA LYS A 17 -13.52 -0.39 -18.72
C LYS A 17 -14.77 -0.35 -17.84
N ASN A 18 -15.91 -0.04 -18.47
CA ASN A 18 -17.16 0.10 -17.73
C ASN A 18 -18.29 -0.57 -18.52
N GLN A 19 -18.82 -1.67 -17.96
CA GLN A 19 -19.88 -2.40 -18.63
C GLN A 19 -21.21 -1.68 -18.59
N GLY A 20 -21.34 -0.59 -17.82
CA GLY A 20 -22.62 0.08 -17.69
C GLY A 20 -23.62 -0.80 -16.97
N GLN A 21 -24.89 -0.59 -17.32
N GLN A 21 -24.89 -0.68 -17.35
CA GLN A 21 -26.02 -1.35 -16.78
CA GLN A 21 -25.94 -1.45 -16.69
C GLN A 21 -26.42 -2.46 -17.74
C GLN A 21 -26.21 -2.80 -17.35
N CYS A 22 -25.44 -3.28 -18.10
N CYS A 22 -25.40 -3.19 -18.32
CA CYS A 22 -25.62 -4.44 -18.96
CA CYS A 22 -25.56 -4.45 -19.04
C CYS A 22 -24.89 -5.59 -18.29
C CYS A 22 -24.89 -5.58 -18.27
N GLY A 23 -25.53 -6.76 -18.27
CA GLY A 23 -24.94 -7.92 -17.63
C GLY A 23 -23.89 -8.62 -18.47
N SER A 24 -22.88 -7.87 -18.85
CA SER A 24 -21.91 -8.33 -19.82
C SER A 24 -20.52 -8.50 -19.22
N CSO A 25 -20.44 -8.65 -17.90
N CSO A 25 -20.45 -8.66 -17.90
CA CSO A 25 -19.12 -8.76 -17.25
CA CSO A 25 -19.16 -8.80 -17.22
CB CSO A 25 -19.29 -8.89 -15.74
CB CSO A 25 -19.37 -9.07 -15.72
SG CSO A 25 -20.54 -10.12 -15.33
SG CSO A 25 -20.38 -10.55 -15.47
C CSO A 25 -18.31 -9.93 -17.81
C CSO A 25 -18.33 -9.92 -17.83
O CSO A 25 -17.08 -9.85 -17.88
O CSO A 25 -17.10 -9.80 -17.94
OD CSO A 25 -22.16 -9.41 -15.11
HA CSO A 25 -18.62 -7.95 -17.44
HA CSO A 25 -18.67 -7.96 -17.32
HB2 CSO A 25 -19.56 -8.03 -15.37
HB2 CSO A 25 -19.83 -8.31 -15.32
HB3 CSO A 25 -18.45 -9.16 -15.34
HB3 CSO A 25 -18.51 -9.20 -15.29
HD CSO A 25 -22.81 -9.86 -15.66
N TRP A 26 -18.98 -11.01 -18.20
CA TRP A 26 -18.30 -12.16 -18.80
C TRP A 26 -17.50 -11.76 -20.05
N ALA A 27 -18.01 -10.78 -20.79
CA ALA A 27 -17.34 -10.34 -22.02
C ALA A 27 -16.10 -9.53 -21.69
N PHE A 28 -16.19 -8.68 -20.66
CA PHE A 28 -15.03 -7.89 -20.23
C PHE A 28 -13.97 -8.79 -19.64
N SER A 29 -14.38 -9.82 -18.91
CA SER A 29 -13.41 -10.77 -18.38
C SER A 29 -12.70 -11.50 -19.51
N ALA A 30 -13.47 -11.94 -20.52
CA ALA A 30 -12.86 -12.68 -21.62
C ALA A 30 -11.93 -11.80 -22.43
N THR A 31 -12.36 -10.57 -22.75
CA THR A 31 -11.45 -9.71 -23.52
C THR A 31 -10.18 -9.41 -22.73
N GLY A 32 -10.29 -9.24 -21.41
CA GLY A 32 -9.09 -9.00 -20.61
C GLY A 32 -8.11 -10.14 -20.70
N ALA A 33 -8.60 -11.38 -20.62
CA ALA A 33 -7.70 -12.51 -20.72
C ALA A 33 -7.12 -12.65 -22.13
N LEU A 34 -7.94 -12.46 -23.17
CA LEU A 34 -7.41 -12.55 -24.52
C LEU A 34 -6.46 -11.40 -24.84
N GLU A 35 -6.70 -10.20 -24.27
CA GLU A 35 -5.75 -9.10 -24.45
C GLU A 35 -4.38 -9.48 -23.89
N GLY A 36 -4.37 -10.15 -22.74
CA GLY A 36 -3.11 -10.54 -22.14
C GLY A 36 -2.40 -11.60 -22.95
N GLN A 37 -3.13 -12.60 -23.43
CA GLN A 37 -2.50 -13.66 -24.21
C GLN A 37 -2.07 -13.19 -25.59
N MET A 38 -2.82 -12.26 -26.19
CA MET A 38 -2.39 -11.72 -27.48
C MET A 38 -1.10 -10.92 -27.32
N PHE A 39 -1.01 -10.14 -26.24
CA PHE A 39 0.21 -9.39 -25.97
C PHE A 39 1.38 -10.34 -25.73
N ARG A 40 1.14 -11.41 -24.97
CA ARG A 40 2.18 -12.40 -24.75
C ARG A 40 2.76 -12.90 -26.06
N LYS A 41 1.90 -13.07 -27.07
CA LYS A 41 2.33 -13.65 -28.33
C LYS A 41 2.95 -12.62 -29.26
N THR A 42 2.31 -11.46 -29.42
CA THR A 42 2.69 -10.49 -30.45
C THR A 42 3.46 -9.31 -29.90
N GLY A 43 3.43 -9.08 -28.60
CA GLY A 43 4.00 -7.88 -28.02
C GLY A 43 3.22 -6.61 -28.26
N ARG A 44 1.98 -6.71 -28.75
CA ARG A 44 1.13 -5.56 -29.00
C ARG A 44 -0.09 -5.67 -28.11
N LEU A 45 -0.39 -4.60 -27.37
CA LEU A 45 -1.58 -4.53 -26.52
C LEU A 45 -2.67 -3.80 -27.28
N ILE A 46 -3.74 -4.52 -27.62
CA ILE A 46 -4.86 -3.94 -28.37
C ILE A 46 -6.15 -4.25 -27.61
N SER A 47 -6.87 -3.21 -27.24
CA SER A 47 -8.17 -3.38 -26.60
C SER A 47 -9.17 -4.07 -27.54
N LEU A 48 -9.90 -5.04 -27.00
CA LEU A 48 -10.81 -5.89 -27.75
C LEU A 48 -12.27 -5.58 -27.47
N SER A 49 -13.11 -5.94 -28.44
CA SER A 49 -14.51 -5.51 -28.46
C SER A 49 -15.38 -6.45 -27.64
N GLU A 50 -15.82 -5.99 -26.47
CA GLU A 50 -16.87 -6.71 -25.75
C GLU A 50 -18.18 -6.72 -26.51
N GLN A 51 -18.47 -5.65 -27.25
CA GLN A 51 -19.73 -5.61 -27.98
C GLN A 51 -19.79 -6.74 -29.01
N ASN A 52 -18.68 -7.01 -29.68
CA ASN A 52 -18.56 -8.16 -30.57
C ASN A 52 -19.01 -9.44 -29.86
N LEU A 53 -18.58 -9.65 -28.63
CA LEU A 53 -18.98 -10.85 -27.91
C LEU A 53 -20.45 -10.83 -27.53
N VAL A 54 -20.92 -9.68 -27.03
CA VAL A 54 -22.32 -9.57 -26.60
C VAL A 54 -23.26 -9.85 -27.76
N ASP A 55 -22.93 -9.33 -28.95
CA ASP A 55 -23.83 -9.41 -30.09
C ASP A 55 -23.75 -10.75 -30.80
N CYS A 56 -22.61 -11.44 -30.71
CA CYS A 56 -22.29 -12.48 -31.69
C CYS A 56 -22.09 -13.87 -31.11
N SER A 57 -21.85 -14.02 -29.81
CA SER A 57 -21.46 -15.31 -29.26
C SER A 57 -22.63 -16.06 -28.64
N GLY A 58 -23.86 -15.70 -29.00
CA GLY A 58 -25.03 -16.49 -28.64
C GLY A 58 -24.94 -17.94 -29.03
N PRO A 59 -24.44 -18.28 -30.22
CA PRO A 59 -24.39 -19.70 -30.61
C PRO A 59 -23.50 -20.52 -29.71
N GLN A 60 -22.50 -19.91 -29.07
CA GLN A 60 -21.68 -20.68 -28.16
C GLN A 60 -22.31 -20.83 -26.78
N GLY A 61 -23.45 -20.18 -26.55
CA GLY A 61 -24.18 -20.31 -25.30
C GLY A 61 -24.35 -19.01 -24.53
N ASN A 62 -23.77 -17.91 -24.97
CA ASN A 62 -23.87 -16.66 -24.23
C ASN A 62 -25.20 -15.98 -24.48
N GLU A 63 -25.60 -15.11 -23.55
CA GLU A 63 -26.90 -14.47 -23.61
C GLU A 63 -26.79 -12.96 -23.44
N GLY A 64 -25.76 -12.38 -24.02
CA GLY A 64 -25.72 -10.93 -24.17
C GLY A 64 -25.69 -10.23 -22.82
N CYS A 65 -26.57 -9.25 -22.66
CA CYS A 65 -26.65 -8.52 -21.40
C CYS A 65 -27.31 -9.32 -20.31
N ASN A 66 -27.77 -10.53 -20.61
CA ASN A 66 -28.44 -11.37 -19.62
C ASN A 66 -27.50 -12.42 -19.05
N GLY A 67 -26.23 -12.37 -19.40
CA GLY A 67 -25.25 -13.28 -18.85
C GLY A 67 -24.54 -14.08 -19.92
N GLY A 68 -23.52 -14.79 -19.47
CA GLY A 68 -22.66 -15.53 -20.37
C GLY A 68 -21.48 -16.08 -19.59
N LEU A 69 -20.59 -16.73 -20.33
CA LEU A 69 -19.42 -17.36 -19.74
C LEU A 69 -18.17 -17.04 -20.55
N MET A 70 -17.06 -16.85 -19.84
CA MET A 70 -15.82 -16.54 -20.52
C MET A 70 -15.39 -17.67 -21.46
N ASP A 71 -15.60 -18.92 -21.05
CA ASP A 71 -15.21 -20.03 -21.93
C ASP A 71 -16.00 -20.01 -23.22
N TYR A 72 -17.29 -19.65 -23.15
CA TYR A 72 -18.08 -19.54 -24.36
C TYR A 72 -17.55 -18.43 -25.27
N ALA A 73 -17.06 -17.35 -24.67
CA ALA A 73 -16.44 -16.28 -25.43
C ALA A 73 -15.17 -16.76 -26.13
N PHE A 74 -14.32 -17.52 -25.42
CA PHE A 74 -13.11 -18.03 -26.05
C PHE A 74 -13.48 -18.98 -27.18
N GLN A 75 -14.53 -19.78 -26.99
N GLN A 75 -14.52 -19.79 -26.97
CA GLN A 75 -14.97 -20.68 -28.06
CA GLN A 75 -15.00 -20.68 -28.03
C GLN A 75 -15.45 -19.90 -29.27
C GLN A 75 -15.44 -19.89 -29.26
N TYR A 76 -16.18 -18.81 -29.04
CA TYR A 76 -16.61 -17.97 -30.16
C TYR A 76 -15.42 -17.49 -30.98
N VAL A 77 -14.42 -16.92 -30.31
CA VAL A 77 -13.27 -16.38 -31.04
C VAL A 77 -12.63 -17.47 -31.89
N GLN A 78 -12.46 -18.68 -31.34
CA GLN A 78 -11.91 -19.77 -32.13
C GLN A 78 -12.82 -20.14 -33.29
N ASP A 79 -14.11 -20.37 -33.01
CA ASP A 79 -15.04 -20.81 -34.03
C ASP A 79 -15.20 -19.75 -35.12
N ASN A 80 -15.20 -18.49 -34.71
CA ASN A 80 -15.44 -17.37 -35.60
C ASN A 80 -14.20 -16.96 -36.37
N GLY A 81 -13.03 -17.37 -35.91
CA GLY A 81 -11.81 -17.02 -36.60
C GLY A 81 -11.34 -15.61 -36.34
N GLY A 82 -11.82 -14.97 -35.29
CA GLY A 82 -11.38 -13.62 -34.99
C GLY A 82 -12.30 -12.89 -34.04
N LEU A 83 -11.83 -11.70 -33.67
CA LEU A 83 -12.55 -10.80 -32.77
C LEU A 83 -12.11 -9.39 -33.09
N ASP A 84 -13.06 -8.49 -33.24
CA ASP A 84 -12.73 -7.14 -33.64
C ASP A 84 -12.16 -6.34 -32.46
N SER A 85 -11.44 -5.29 -32.81
CA SER A 85 -10.89 -4.39 -31.81
C SER A 85 -11.98 -3.53 -31.20
N GLU A 86 -11.69 -3.04 -29.99
CA GLU A 86 -12.61 -2.12 -29.33
C GLU A 86 -12.82 -0.87 -30.17
N GLU A 87 -11.76 -0.35 -30.80
CA GLU A 87 -11.92 0.89 -31.56
C GLU A 87 -12.88 0.69 -32.72
N SER A 88 -12.83 -0.46 -33.37
CA SER A 88 -13.65 -0.71 -34.55
C SER A 88 -15.07 -1.14 -34.23
N TYR A 89 -15.33 -1.67 -33.04
CA TYR A 89 -16.62 -2.25 -32.68
C TYR A 89 -16.89 -1.82 -31.25
N PRO A 90 -17.23 -0.55 -31.05
CA PRO A 90 -17.25 0.01 -29.69
C PRO A 90 -18.42 -0.50 -28.88
N TYR A 91 -18.30 -0.30 -27.58
CA TYR A 91 -19.26 -0.85 -26.63
C TYR A 91 -20.47 0.07 -26.44
N GLU A 92 -21.66 -0.53 -26.52
CA GLU A 92 -22.91 0.21 -26.42
C GLU A 92 -23.78 -0.16 -25.23
N ALA A 93 -23.41 -1.20 -24.46
CA ALA A 93 -24.10 -1.60 -23.24
C ALA A 93 -25.53 -2.06 -23.52
N THR A 94 -25.77 -2.54 -24.73
N THR A 94 -25.76 -2.58 -24.72
CA THR A 94 -27.06 -3.09 -25.12
CA THR A 94 -27.07 -3.08 -25.13
C THR A 94 -26.80 -4.12 -26.21
C THR A 94 -26.82 -4.10 -26.23
N GLU A 95 -27.63 -5.17 -26.24
CA GLU A 95 -27.43 -6.24 -27.21
C GLU A 95 -28.08 -5.84 -28.53
N GLU A 96 -27.36 -6.06 -29.62
CA GLU A 96 -27.83 -5.77 -30.97
C GLU A 96 -27.44 -6.96 -31.85
N SER A 97 -27.81 -6.89 -33.12
CA SER A 97 -27.40 -7.90 -34.08
C SER A 97 -25.88 -7.87 -34.27
N CYS A 98 -25.34 -8.99 -34.73
N CYS A 98 -25.34 -9.01 -34.72
CA CYS A 98 -23.90 -9.14 -34.89
CA CYS A 98 -23.91 -9.16 -34.98
C CYS A 98 -23.40 -8.32 -36.07
C CYS A 98 -23.46 -8.24 -36.09
N LYS A 99 -22.38 -7.48 -35.82
CA LYS A 99 -21.77 -6.64 -36.85
C LYS A 99 -20.31 -6.97 -37.07
N TYR A 100 -19.90 -8.19 -36.73
CA TYR A 100 -18.52 -8.58 -36.84
C TYR A 100 -18.03 -8.39 -38.28
N ASN A 101 -16.80 -7.87 -38.39
CA ASN A 101 -16.16 -7.64 -39.68
C ASN A 101 -14.75 -8.23 -39.57
N PRO A 102 -14.42 -9.28 -40.31
CA PRO A 102 -13.09 -9.88 -40.15
C PRO A 102 -11.94 -8.97 -40.53
N LYS A 103 -12.16 -7.98 -41.40
CA LYS A 103 -11.09 -7.07 -41.76
C LYS A 103 -10.53 -6.38 -40.52
N TYR A 104 -11.35 -6.18 -39.51
CA TYR A 104 -10.94 -5.48 -38.30
C TYR A 104 -10.62 -6.41 -37.15
N SER A 105 -10.48 -7.71 -37.44
CA SER A 105 -10.13 -8.65 -36.40
C SER A 105 -8.67 -8.46 -36.02
N VAL A 106 -8.41 -8.46 -34.70
CA VAL A 106 -7.07 -8.27 -34.19
C VAL A 106 -6.66 -9.35 -33.21
N ALA A 107 -7.49 -10.37 -33.00
CA ALA A 107 -7.22 -11.41 -32.02
C ALA A 107 -7.79 -12.74 -32.49
N ASN A 108 -7.18 -13.82 -32.00
CA ASN A 108 -7.57 -15.18 -32.33
C ASN A 108 -7.25 -16.05 -31.13
N ASP A 109 -7.89 -17.22 -31.05
CA ASP A 109 -7.44 -18.21 -30.08
C ASP A 109 -7.78 -19.59 -30.60
N ALA A 110 -7.11 -20.59 -30.04
CA ALA A 110 -7.26 -21.98 -30.43
C ALA A 110 -7.89 -22.79 -29.30
N GLY A 111 -8.78 -22.17 -28.54
CA GLY A 111 -9.45 -22.87 -27.47
C GLY A 111 -9.15 -22.20 -26.15
N PHE A 112 -9.31 -22.94 -25.06
CA PHE A 112 -9.10 -22.39 -23.74
C PHE A 112 -8.66 -23.51 -22.82
N VAL A 113 -8.26 -23.11 -21.61
CA VAL A 113 -7.83 -24.03 -20.58
C VAL A 113 -8.62 -23.70 -19.32
N ASP A 114 -9.27 -24.72 -18.75
CA ASP A 114 -9.92 -24.58 -17.46
C ASP A 114 -8.95 -24.99 -16.37
N ILE A 115 -8.84 -24.15 -15.34
CA ILE A 115 -7.91 -24.37 -14.25
C ILE A 115 -8.60 -25.20 -13.16
N PRO A 116 -7.92 -26.18 -12.56
CA PRO A 116 -8.53 -26.91 -11.45
C PRO A 116 -9.03 -25.95 -10.38
N LYS A 117 -10.08 -26.36 -9.67
CA LYS A 117 -10.77 -25.50 -8.71
C LYS A 117 -10.03 -25.47 -7.38
N GLN A 118 -8.81 -24.93 -7.44
CA GLN A 118 -7.99 -24.74 -6.25
C GLN A 118 -7.24 -23.44 -6.39
N GLU A 119 -7.14 -22.68 -5.31
CA GLU A 119 -6.39 -21.44 -5.36
C GLU A 119 -4.91 -21.69 -5.63
N LYS A 120 -4.39 -22.85 -5.20
CA LYS A 120 -3.01 -23.19 -5.50
C LYS A 120 -2.80 -23.32 -7.00
N ALA A 121 -3.75 -23.95 -7.70
CA ALA A 121 -3.65 -24.05 -9.16
C ALA A 121 -3.86 -22.68 -9.81
N LEU A 122 -4.77 -21.87 -9.27
CA LEU A 122 -4.95 -20.53 -9.84
C LEU A 122 -3.68 -19.71 -9.68
N MET A 123 -3.01 -19.83 -8.54
CA MET A 123 -1.76 -19.10 -8.33
C MET A 123 -0.71 -19.50 -9.37
N LYS A 124 -0.57 -20.80 -9.62
CA LYS A 124 0.41 -21.24 -10.61
C LYS A 124 0.07 -20.71 -12.00
N ALA A 125 -1.23 -20.71 -12.34
CA ALA A 125 -1.66 -20.16 -13.62
C ALA A 125 -1.34 -18.68 -13.72
N VAL A 126 -1.70 -17.91 -12.69
CA VAL A 126 -1.42 -16.47 -12.74
C VAL A 126 0.08 -16.24 -12.84
N ALA A 127 0.88 -17.07 -12.17
CA ALA A 127 2.33 -16.84 -12.13
C ALA A 127 3.01 -17.12 -13.47
N THR A 128 2.43 -17.95 -14.31
CA THR A 128 3.12 -18.43 -15.50
C THR A 128 2.45 -18.07 -16.81
N VAL A 129 1.15 -17.79 -16.81
CA VAL A 129 0.40 -17.59 -18.05
C VAL A 129 0.18 -16.12 -18.33
N GLY A 130 -0.30 -15.38 -17.34
CA GLY A 130 -0.83 -14.05 -17.56
C GLY A 130 -2.16 -13.87 -16.86
N PRO A 131 -2.85 -12.77 -17.15
CA PRO A 131 -4.16 -12.54 -16.52
C PRO A 131 -5.12 -13.69 -16.81
N ILE A 132 -5.93 -14.01 -15.81
CA ILE A 132 -6.82 -15.16 -15.84
C ILE A 132 -8.26 -14.69 -15.64
N SER A 133 -9.16 -15.20 -16.48
CA SER A 133 -10.59 -14.97 -16.30
C SER A 133 -11.12 -15.77 -15.12
N VAL A 134 -11.87 -15.11 -14.23
CA VAL A 134 -12.47 -15.79 -13.09
C VAL A 134 -13.88 -15.25 -12.87
N ALA A 135 -14.68 -16.01 -12.16
CA ALA A 135 -16.01 -15.60 -11.74
C ALA A 135 -16.02 -15.50 -10.23
N ILE A 136 -16.75 -14.51 -9.70
CA ILE A 136 -16.85 -14.33 -8.26
C ILE A 136 -18.29 -14.02 -7.86
N ASP A 137 -18.57 -14.20 -6.58
CA ASP A 137 -19.80 -13.77 -5.94
C ASP A 137 -19.61 -12.30 -5.56
N ALA A 138 -20.12 -11.40 -6.41
CA ALA A 138 -20.02 -9.96 -6.19
C ALA A 138 -21.31 -9.38 -5.63
N GLY A 139 -22.26 -10.22 -5.24
CA GLY A 139 -23.58 -9.76 -4.86
C GLY A 139 -23.74 -9.30 -3.43
N HIS A 140 -22.92 -8.37 -2.98
CA HIS A 140 -22.94 -7.87 -1.61
C HIS A 140 -22.64 -6.38 -1.62
N GLU A 141 -23.35 -5.64 -0.76
N GLU A 141 -23.34 -5.64 -0.75
CA GLU A 141 -23.17 -4.20 -0.70
CA GLU A 141 -23.15 -4.19 -0.75
C GLU A 141 -21.71 -3.84 -0.41
C GLU A 141 -21.71 -3.82 -0.40
N SER A 142 -21.04 -4.63 0.42
CA SER A 142 -19.65 -4.36 0.75
C SER A 142 -18.77 -4.31 -0.50
N PHE A 143 -19.14 -5.06 -1.54
CA PHE A 143 -18.36 -5.05 -2.77
C PHE A 143 -18.61 -3.76 -3.54
N LEU A 144 -19.85 -3.26 -3.52
CA LEU A 144 -20.15 -2.00 -4.19
C LEU A 144 -19.37 -0.86 -3.61
N PHE A 145 -19.21 -0.83 -2.29
CA PHE A 145 -18.61 0.31 -1.61
C PHE A 145 -17.12 0.13 -1.38
N TYR A 146 -16.53 -0.95 -1.92
CA TYR A 146 -15.12 -1.22 -1.70
C TYR A 146 -14.27 -0.04 -2.13
N LYS A 147 -13.31 0.33 -1.29
CA LYS A 147 -12.43 1.45 -1.60
C LYS A 147 -10.95 1.10 -1.55
N GLU A 148 -10.53 0.28 -0.59
CA GLU A 148 -9.13 -0.07 -0.46
C GLU A 148 -9.00 -1.24 0.51
N GLY A 149 -7.79 -1.80 0.56
CA GLY A 149 -7.54 -2.92 1.43
C GLY A 149 -7.96 -4.24 0.82
N ILE A 150 -7.87 -5.27 1.63
CA ILE A 150 -8.22 -6.61 1.19
C ILE A 150 -9.70 -6.85 1.45
N TYR A 151 -10.44 -7.11 0.38
CA TYR A 151 -11.86 -7.35 0.47
C TYR A 151 -12.12 -8.74 1.03
N PHE A 152 -12.86 -8.80 2.13
CA PHE A 152 -13.29 -10.06 2.69
C PHE A 152 -14.72 -9.90 3.18
N GLU A 153 -15.61 -10.74 2.65
CA GLU A 153 -17.04 -10.73 2.97
C GLU A 153 -17.44 -12.05 3.59
N PRO A 154 -17.74 -12.10 4.90
CA PRO A 154 -18.08 -13.39 5.51
C PRO A 154 -19.23 -14.13 4.85
N ASP A 155 -20.15 -13.43 4.20
CA ASP A 155 -21.32 -14.07 3.61
C ASP A 155 -21.13 -14.36 2.14
N CYS A 156 -19.90 -14.31 1.65
CA CYS A 156 -19.62 -14.61 0.25
C CYS A 156 -19.72 -16.11 -0.02
N SER A 157 -20.30 -16.47 -1.17
CA SER A 157 -20.43 -17.86 -1.56
C SER A 157 -19.23 -18.28 -2.40
N SER A 158 -18.76 -19.51 -2.16
CA SER A 158 -17.69 -20.10 -2.95
C SER A 158 -18.22 -20.95 -4.11
N GLU A 159 -19.54 -21.06 -4.26
CA GLU A 159 -20.13 -21.92 -5.26
C GLU A 159 -21.07 -21.20 -6.21
N ASP A 160 -21.78 -20.17 -5.77
CA ASP A 160 -22.72 -19.43 -6.61
C ASP A 160 -22.08 -18.08 -6.94
N MET A 161 -21.46 -18.01 -8.11
CA MET A 161 -20.82 -16.81 -8.60
C MET A 161 -21.77 -16.09 -9.57
N ASP A 162 -21.66 -14.77 -9.64
CA ASP A 162 -22.55 -13.98 -10.47
C ASP A 162 -21.82 -12.91 -11.30
N HIS A 163 -20.49 -12.91 -11.33
CA HIS A 163 -19.77 -11.78 -11.89
C HIS A 163 -18.40 -12.19 -12.41
N GLY A 164 -18.14 -11.91 -13.69
CA GLY A 164 -16.85 -12.26 -14.27
C GLY A 164 -15.89 -11.10 -14.16
N VAL A 165 -14.66 -11.40 -13.75
CA VAL A 165 -13.61 -10.41 -13.55
C VAL A 165 -12.28 -11.03 -13.99
N LEU A 166 -11.19 -10.28 -13.82
CA LEU A 166 -9.89 -10.67 -14.37
C LEU A 166 -8.85 -10.59 -13.26
N VAL A 167 -8.17 -11.70 -13.00
CA VAL A 167 -7.06 -11.71 -12.05
C VAL A 167 -5.79 -11.31 -12.81
N VAL A 168 -5.20 -10.18 -12.45
CA VAL A 168 -3.99 -9.69 -13.10
C VAL A 168 -2.75 -9.89 -12.25
N GLY A 169 -2.90 -10.47 -11.06
CA GLY A 169 -1.75 -10.67 -10.21
C GLY A 169 -2.20 -11.07 -8.82
N TYR A 170 -1.23 -11.08 -7.92
CA TYR A 170 -1.50 -11.38 -6.52
C TYR A 170 -0.33 -10.83 -5.71
N GLY A 171 -0.58 -10.68 -4.42
CA GLY A 171 0.46 -10.14 -3.56
C GLY A 171 0.07 -10.22 -2.11
N PHE A 172 0.61 -9.31 -1.32
CA PHE A 172 0.35 -9.32 0.11
C PHE A 172 0.46 -7.91 0.65
N GLU A 173 -0.20 -7.70 1.78
CA GLU A 173 0.09 -6.54 2.60
C GLU A 173 -0.30 -6.85 4.04
N SER A 174 0.45 -6.25 4.96
CA SER A 174 0.18 -6.46 6.37
C SER A 174 -1.20 -5.93 6.74
N THR A 175 -1.95 -6.74 7.49
CA THR A 175 -3.28 -6.37 7.96
C THR A 175 -3.44 -6.68 9.44
N GLU A 176 -4.46 -6.05 10.03
CA GLU A 176 -4.82 -6.28 11.42
C GLU A 176 -4.97 -7.76 11.73
N SER A 177 -5.65 -8.50 10.85
CA SER A 177 -6.05 -9.88 11.13
C SER A 177 -5.00 -10.90 10.71
N ASP A 178 -3.94 -10.45 10.04
CA ASP A 178 -2.87 -11.31 9.53
C ASP A 178 -3.36 -12.26 8.45
N ASN A 179 -4.48 -11.91 7.80
CA ASN A 179 -4.89 -12.50 6.53
C ASN A 179 -4.42 -11.50 5.47
N ASN A 180 -3.19 -11.72 4.97
CA ASN A 180 -2.45 -10.68 4.26
C ASN A 180 -2.37 -10.87 2.76
N LYS A 181 -2.84 -11.99 2.24
CA LYS A 181 -2.65 -12.33 0.84
C LYS A 181 -3.87 -11.92 0.04
N TYR A 182 -3.63 -11.48 -1.18
CA TYR A 182 -4.73 -11.06 -2.04
C TYR A 182 -4.48 -11.38 -3.50
N TRP A 183 -5.59 -11.53 -4.21
CA TRP A 183 -5.65 -11.55 -5.66
C TRP A 183 -5.88 -10.12 -6.13
N LEU A 184 -5.11 -9.68 -7.12
CA LEU A 184 -5.30 -8.38 -7.72
C LEU A 184 -6.28 -8.52 -8.88
N VAL A 185 -7.45 -7.90 -8.76
CA VAL A 185 -8.56 -8.18 -9.65
C VAL A 185 -8.99 -6.88 -10.35
N LYS A 186 -9.06 -6.96 -11.67
CA LYS A 186 -9.58 -5.88 -12.50
C LYS A 186 -11.07 -6.09 -12.68
N ASN A 187 -11.86 -5.09 -12.33
CA ASN A 187 -13.31 -5.12 -12.50
C ASN A 187 -13.65 -4.31 -13.74
N SER A 188 -14.92 -4.29 -14.10
CA SER A 188 -15.40 -3.56 -15.27
C SER A 188 -16.52 -2.61 -14.91
N TRP A 189 -16.37 -1.93 -13.76
CA TRP A 189 -17.32 -0.95 -13.28
C TRP A 189 -16.77 0.49 -13.35
N GLY A 190 -15.74 0.70 -14.15
CA GLY A 190 -15.14 2.01 -14.30
C GLY A 190 -14.12 2.26 -13.22
N GLU A 191 -13.34 3.32 -13.41
CA GLU A 191 -12.21 3.53 -12.53
C GLU A 191 -12.61 4.23 -11.23
N GLU A 192 -13.84 4.73 -11.15
CA GLU A 192 -14.31 5.35 -9.92
C GLU A 192 -14.67 4.32 -8.85
N TRP A 193 -14.95 3.08 -9.25
CA TRP A 193 -15.20 2.01 -8.31
C TRP A 193 -13.88 1.48 -7.74
N GLY A 194 -13.89 1.15 -6.45
CA GLY A 194 -12.75 0.49 -5.84
C GLY A 194 -11.50 1.33 -5.92
N MET A 195 -10.38 0.66 -6.20
CA MET A 195 -9.06 1.30 -6.25
C MET A 195 -8.71 1.48 -7.72
N GLY A 196 -9.12 2.60 -8.29
CA GLY A 196 -8.92 2.81 -9.71
C GLY A 196 -9.55 1.74 -10.58
N GLY A 197 -10.64 1.12 -10.11
CA GLY A 197 -11.29 0.04 -10.83
C GLY A 197 -10.85 -1.34 -10.43
N TYR A 198 -9.88 -1.46 -9.53
CA TYR A 198 -9.32 -2.71 -9.06
C TYR A 198 -9.78 -3.02 -7.65
N VAL A 199 -9.72 -4.30 -7.30
CA VAL A 199 -9.99 -4.76 -5.93
C VAL A 199 -8.95 -5.80 -5.56
N LYS A 200 -8.53 -5.78 -4.31
CA LYS A 200 -7.69 -6.82 -3.74
C LYS A 200 -8.61 -7.80 -3.02
N MET A 201 -8.76 -8.99 -3.58
N MET A 201 -8.78 -8.99 -3.61
CA MET A 201 -9.67 -9.98 -3.04
CA MET A 201 -9.67 -10.01 -3.07
C MET A 201 -8.93 -11.00 -2.20
C MET A 201 -8.90 -10.98 -2.18
N ALA A 202 -9.52 -11.36 -1.07
CA ALA A 202 -8.87 -12.27 -0.13
C ALA A 202 -8.38 -13.52 -0.84
N LYS A 203 -7.12 -13.87 -0.59
CA LYS A 203 -6.46 -15.01 -1.20
C LYS A 203 -6.10 -16.02 -0.13
N ASP A 204 -6.33 -17.30 -0.46
CA ASP A 204 -6.04 -18.42 0.42
C ASP A 204 -6.89 -18.37 1.68
N ARG A 205 -8.15 -17.98 1.50
CA ARG A 205 -9.15 -17.98 2.58
C ARG A 205 -10.36 -18.78 2.11
N ARG A 206 -10.16 -20.09 1.95
CA ARG A 206 -11.26 -21.00 1.61
C ARG A 206 -11.93 -20.63 0.29
N ASN A 207 -11.14 -20.24 -0.70
CA ASN A 207 -11.68 -19.89 -2.02
C ASN A 207 -12.77 -18.83 -1.88
N HIS A 208 -12.35 -17.72 -1.29
CA HIS A 208 -13.26 -16.65 -0.96
C HIS A 208 -13.97 -16.13 -2.21
N CYS A 209 -15.29 -16.06 -2.14
CA CYS A 209 -16.17 -15.62 -3.23
C CYS A 209 -16.01 -16.47 -4.49
N GLY A 210 -15.41 -17.65 -4.37
CA GLY A 210 -15.39 -18.59 -5.47
C GLY A 210 -14.42 -18.23 -6.56
N ILE A 211 -13.39 -17.45 -6.25
CA ILE A 211 -12.51 -16.91 -7.27
C ILE A 211 -11.80 -18.00 -8.05
N ALA A 212 -11.54 -19.16 -7.43
CA ALA A 212 -10.87 -20.27 -8.10
C ALA A 212 -11.84 -21.29 -8.68
N SER A 213 -13.14 -21.02 -8.65
CA SER A 213 -14.12 -22.04 -9.01
C SER A 213 -14.42 -22.11 -10.50
N ALA A 214 -14.22 -21.03 -11.24
CA ALA A 214 -14.49 -21.02 -12.67
C ALA A 214 -13.42 -20.17 -13.36
N ALA A 215 -12.17 -20.60 -13.26
CA ALA A 215 -11.02 -19.87 -13.79
C ALA A 215 -10.54 -20.50 -15.08
N SER A 216 -10.18 -19.65 -16.04
CA SER A 216 -9.80 -20.17 -17.34
C SER A 216 -9.05 -19.09 -18.11
N TYR A 217 -8.42 -19.50 -19.20
CA TYR A 217 -7.75 -18.56 -20.07
C TYR A 217 -7.73 -19.12 -21.48
N PRO A 218 -7.63 -18.26 -22.49
CA PRO A 218 -7.58 -18.73 -23.87
C PRO A 218 -6.17 -19.11 -24.27
N THR A 219 -6.08 -20.12 -25.14
CA THR A 219 -4.80 -20.54 -25.68
C THR A 219 -4.53 -19.77 -26.96
N VAL A 220 -3.40 -19.08 -27.00
CA VAL A 220 -3.04 -18.24 -28.14
C VAL A 220 -1.70 -18.70 -28.69
N ALA B 1 18.43 5.66 8.42
CA ALA B 1 18.95 4.43 9.08
C ALA B 1 20.48 4.47 9.15
N PRO B 2 21.05 3.80 10.16
CA PRO B 2 22.52 3.79 10.28
C PRO B 2 23.18 3.19 9.05
N ARG B 3 24.45 3.54 8.84
CA ARG B 3 25.20 3.01 7.71
C ARG B 3 25.52 1.53 7.87
N SER B 4 25.59 1.02 9.10
CA SER B 4 25.79 -0.41 9.31
C SER B 4 25.11 -0.84 10.60
N VAL B 5 24.70 -2.11 10.63
CA VAL B 5 23.89 -2.69 11.69
C VAL B 5 24.35 -4.13 11.91
N ASP B 6 24.51 -4.53 13.18
CA ASP B 6 24.81 -5.95 13.50
C ASP B 6 24.19 -6.26 14.85
N TRP B 7 23.02 -6.89 14.84
CA TRP B 7 22.30 -7.15 16.07
C TRP B 7 22.98 -8.21 16.94
N ARG B 8 23.93 -8.95 16.40
CA ARG B 8 24.68 -9.88 17.24
C ARG B 8 25.39 -9.11 18.35
N GLU B 9 25.82 -7.90 18.04
CA GLU B 9 26.57 -7.08 18.99
C GLU B 9 25.69 -6.56 20.10
N LYS B 10 24.38 -6.60 19.92
CA LYS B 10 23.44 -6.08 20.91
C LYS B 10 22.76 -7.18 21.70
N GLY B 11 23.09 -8.44 21.44
CA GLY B 11 22.58 -9.55 22.22
C GLY B 11 21.27 -10.12 21.72
N TYR B 12 20.92 -9.87 20.47
CA TYR B 12 19.64 -10.31 19.93
C TYR B 12 19.68 -11.68 19.27
N VAL B 13 20.85 -12.31 19.14
CA VAL B 13 21.04 -13.43 18.21
C VAL B 13 21.71 -14.60 18.93
N THR B 14 21.08 -15.78 18.81
CA THR B 14 21.65 -17.00 19.37
C THR B 14 22.72 -17.54 18.43
N PRO B 15 23.51 -18.52 18.87
CA PRO B 15 24.48 -19.14 17.98
C PRO B 15 23.81 -19.83 16.79
N VAL B 16 24.63 -20.06 15.77
CA VAL B 16 24.18 -20.79 14.58
C VAL B 16 23.76 -22.21 14.93
N LYS B 17 22.64 -22.63 14.36
CA LYS B 17 22.06 -23.95 14.55
C LYS B 17 22.17 -24.72 13.23
N ASN B 18 21.76 -25.99 13.27
CA ASN B 18 21.87 -26.86 12.10
C ASN B 18 20.59 -27.66 11.96
N GLN B 19 19.85 -27.40 10.89
CA GLN B 19 18.59 -28.08 10.67
C GLN B 19 18.76 -29.53 10.26
N GLY B 20 19.98 -29.97 9.95
CA GLY B 20 20.18 -31.34 9.52
C GLY B 20 19.54 -31.59 8.17
N GLN B 21 19.14 -32.85 7.94
N GLN B 21 19.18 -32.85 7.94
CA GLN B 21 18.52 -33.24 6.67
CA GLN B 21 18.49 -33.29 6.73
C GLN B 21 17.01 -33.09 6.68
C GLN B 21 16.98 -33.31 6.95
N CYS B 22 16.49 -32.10 7.41
N CYS B 22 16.47 -32.12 7.23
CA CYS B 22 15.06 -31.82 7.51
CA CYS B 22 15.05 -31.86 7.46
C CYS B 22 14.76 -30.49 6.84
C CYS B 22 14.77 -30.52 6.81
N GLY B 23 13.66 -30.43 6.10
CA GLY B 23 13.30 -29.21 5.40
C GLY B 23 12.63 -28.20 6.32
N SER B 24 13.37 -27.79 7.34
CA SER B 24 12.80 -27.01 8.43
C SER B 24 13.42 -25.63 8.57
N CSO B 25 14.08 -25.16 7.52
N CSO B 25 14.07 -25.15 7.51
CA CSO B 25 14.70 -23.83 7.55
CA CSO B 25 14.69 -23.83 7.52
CB CSO B 25 15.24 -23.47 6.16
CB CSO B 25 15.18 -23.45 6.11
SG CSO B 25 13.93 -23.71 4.93
SG CSO B 25 13.81 -23.37 4.92
C CSO B 25 13.71 -22.76 8.04
C CSO B 25 13.71 -22.77 8.02
O CSO B 25 14.09 -21.82 8.75
O CSO B 25 14.10 -21.85 8.75
OD CSO B 25 14.34 -25.03 3.81
HA CSO B 25 15.45 -23.83 8.18
HA CSO B 25 15.47 -23.85 8.11
HB2 CSO B 25 15.98 -24.05 5.94
HB2 CSO B 25 15.81 -24.12 5.80
HB3 CSO B 25 15.52 -22.55 6.15
HB3 CSO B 25 15.61 -22.58 6.14
HD CSO B 25 13.53 -25.52 3.57
N TRP B 26 12.44 -22.92 7.66
CA TRP B 26 11.40 -21.99 8.06
C TRP B 26 11.27 -21.87 9.57
N ALA B 27 11.50 -22.98 10.27
CA ALA B 27 11.38 -22.99 11.72
C ALA B 27 12.56 -22.29 12.37
N PHE B 28 13.75 -22.47 11.79
CA PHE B 28 14.95 -21.81 12.30
C PHE B 28 14.91 -20.32 12.02
N SER B 29 14.44 -19.94 10.83
CA SER B 29 14.26 -18.53 10.54
C SER B 29 13.27 -17.91 11.51
N ALA B 30 12.19 -18.62 11.80
CA ALA B 30 11.15 -18.08 12.66
C ALA B 30 11.62 -17.95 14.10
N THR B 31 12.28 -18.99 14.64
CA THR B 31 12.78 -18.87 16.00
C THR B 31 13.82 -17.74 16.10
N GLY B 32 14.62 -17.55 15.05
CA GLY B 32 15.59 -16.46 15.08
C GLY B 32 14.91 -15.11 15.20
N ALA B 33 13.86 -14.90 14.43
CA ALA B 33 13.17 -13.61 14.49
C ALA B 33 12.46 -13.43 15.82
N LEU B 34 11.88 -14.52 16.36
CA LEU B 34 11.19 -14.42 17.64
C LEU B 34 12.17 -14.29 18.80
N GLU B 35 13.34 -14.93 18.70
CA GLU B 35 14.40 -14.74 19.69
C GLU B 35 14.76 -13.27 19.78
N GLY B 36 14.91 -12.62 18.62
CA GLY B 36 15.23 -11.20 18.61
C GLY B 36 14.14 -10.34 19.21
N GLN B 37 12.88 -10.60 18.87
CA GLN B 37 11.79 -9.77 19.37
C GLN B 37 11.55 -10.01 20.85
N MET B 38 11.72 -11.26 21.30
CA MET B 38 11.62 -11.50 22.72
C MET B 38 12.73 -10.79 23.48
N PHE B 39 13.96 -10.80 22.94
CA PHE B 39 15.03 -10.05 23.59
C PHE B 39 14.72 -8.56 23.60
N ARG B 40 14.19 -8.05 22.48
CA ARG B 40 13.86 -6.63 22.39
C ARG B 40 12.88 -6.22 23.48
N LYS B 41 11.90 -7.08 23.75
CA LYS B 41 10.82 -6.71 24.64
C LYS B 41 11.05 -7.13 26.08
N THR B 42 11.95 -8.09 26.34
CA THR B 42 12.17 -8.58 27.70
C THR B 42 13.61 -8.49 28.18
N GLY B 43 14.58 -8.30 27.30
CA GLY B 43 15.98 -8.26 27.68
C GLY B 43 16.62 -9.60 27.95
N ARG B 44 15.93 -10.70 27.64
CA ARG B 44 16.47 -12.03 27.80
C ARG B 44 16.53 -12.73 26.45
N LEU B 45 17.69 -13.28 26.12
CA LEU B 45 17.86 -14.10 24.93
C LEU B 45 17.74 -15.56 25.33
N ILE B 46 16.69 -16.23 24.85
CA ILE B 46 16.47 -17.63 25.17
C ILE B 46 16.26 -18.35 23.85
N SER B 47 17.12 -19.33 23.58
CA SER B 47 16.99 -20.12 22.37
C SER B 47 15.66 -20.87 22.36
N LEU B 48 14.95 -20.81 21.24
CA LEU B 48 13.59 -21.32 21.12
C LEU B 48 13.56 -22.62 20.33
N SER B 49 12.47 -23.38 20.51
CA SER B 49 12.38 -24.75 20.01
C SER B 49 11.88 -24.79 18.58
N GLU B 50 12.79 -25.11 17.65
CA GLU B 50 12.36 -25.43 16.29
C GLU B 50 11.53 -26.71 16.26
N GLN B 51 11.87 -27.69 17.09
CA GLN B 51 11.09 -28.94 17.10
C GLN B 51 9.63 -28.68 17.43
N ASN B 52 9.37 -27.80 18.39
CA ASN B 52 8.01 -27.37 18.73
C ASN B 52 7.26 -26.91 17.49
N LEU B 53 7.91 -26.11 16.65
CA LEU B 53 7.25 -25.64 15.43
C LEU B 53 7.04 -26.79 14.45
N VAL B 54 8.05 -27.65 14.30
CA VAL B 54 7.96 -28.74 13.33
C VAL B 54 6.82 -29.68 13.71
N ASP B 55 6.68 -29.99 14.99
CA ASP B 55 5.71 -30.98 15.42
C ASP B 55 4.30 -30.42 15.56
N CYS B 56 4.15 -29.11 15.76
CA CYS B 56 2.91 -28.57 16.28
C CYS B 56 2.21 -27.55 15.41
N SER B 57 2.88 -26.97 14.40
CA SER B 57 2.31 -25.86 13.66
C SER B 57 1.69 -26.28 12.32
N GLY B 58 1.36 -27.57 12.15
CA GLY B 58 0.59 -27.99 11.01
C GLY B 58 -0.74 -27.29 10.84
N PRO B 59 -1.47 -27.03 11.92
CA PRO B 59 -2.78 -26.37 11.76
C PRO B 59 -2.69 -24.98 11.18
N GLN B 60 -1.53 -24.34 11.25
CA GLN B 60 -1.31 -23.02 10.66
C GLN B 60 -0.79 -23.10 9.23
N GLY B 61 -0.54 -24.30 8.72
CA GLY B 61 -0.11 -24.47 7.36
C GLY B 61 1.25 -25.11 7.19
N ASN B 62 2.02 -25.35 8.25
CA ASN B 62 3.35 -25.90 8.07
C ASN B 62 3.29 -27.41 7.88
N GLU B 63 4.35 -27.95 7.28
CA GLU B 63 4.39 -29.36 6.90
C GLU B 63 5.66 -30.01 7.42
N GLY B 64 6.09 -29.61 8.62
CA GLY B 64 7.20 -30.29 9.26
C GLY B 64 8.46 -30.24 8.42
N CYS B 65 9.07 -31.41 8.21
CA CYS B 65 10.30 -31.48 7.43
C CYS B 65 10.06 -31.36 5.94
N ASN B 66 8.80 -31.30 5.51
CA ASN B 66 8.46 -31.15 4.11
C ASN B 66 8.31 -29.70 3.70
N GLY B 67 8.46 -28.77 4.63
CA GLY B 67 8.44 -27.36 4.32
C GLY B 67 7.46 -26.60 5.18
N GLY B 68 7.52 -25.29 5.06
CA GLY B 68 6.75 -24.41 5.91
C GLY B 68 7.11 -22.97 5.61
N LEU B 69 6.48 -22.08 6.37
CA LEU B 69 6.69 -20.65 6.21
C LEU B 69 6.84 -20.00 7.58
N MET B 70 7.69 -18.98 7.65
CA MET B 70 7.87 -18.28 8.91
C MET B 70 6.58 -17.63 9.40
N ASP B 71 5.78 -17.08 8.50
CA ASP B 71 4.55 -16.43 8.97
C ASP B 71 3.61 -17.43 9.62
N TYR B 72 3.57 -18.66 9.10
CA TYR B 72 2.73 -19.69 9.69
C TYR B 72 3.22 -20.04 11.09
N ALA B 73 4.54 -20.08 11.28
CA ALA B 73 5.11 -20.31 12.60
C ALA B 73 4.73 -19.19 13.56
N PHE B 74 4.81 -17.93 13.10
CA PHE B 74 4.43 -16.84 13.99
C PHE B 74 2.95 -16.93 14.36
N GLN B 75 2.13 -17.38 13.42
CA GLN B 75 0.71 -17.54 13.69
C GLN B 75 0.47 -18.65 14.71
N TYR B 76 1.21 -19.75 14.61
CA TYR B 76 1.11 -20.80 15.62
C TYR B 76 1.37 -20.25 17.01
N VAL B 77 2.45 -19.48 17.16
CA VAL B 77 2.78 -19.00 18.49
C VAL B 77 1.64 -18.18 19.06
N GLN B 78 1.00 -17.35 18.22
CA GLN B 78 -0.15 -16.58 18.66
C GLN B 78 -1.31 -17.50 19.03
N ASP B 79 -1.66 -18.42 18.13
CA ASP B 79 -2.82 -19.28 18.38
C ASP B 79 -2.60 -20.15 19.61
N ASN B 80 -1.37 -20.62 19.77
CA ASN B 80 -0.99 -21.58 20.80
C ASN B 80 -0.77 -20.93 22.15
N GLY B 81 -0.50 -19.63 22.17
CA GLY B 81 -0.25 -18.94 23.41
C GLY B 81 1.16 -19.08 23.93
N GLY B 82 2.07 -19.67 23.18
CA GLY B 82 3.42 -19.83 23.66
C GLY B 82 4.24 -20.69 22.73
N LEU B 83 5.51 -20.80 23.09
CA LEU B 83 6.50 -21.63 22.40
C LEU B 83 7.52 -22.07 23.42
N ASP B 84 7.85 -23.35 23.43
CA ASP B 84 8.79 -23.83 24.41
C ASP B 84 10.22 -23.48 24.04
N SER B 85 11.10 -23.53 25.04
CA SER B 85 12.51 -23.27 24.85
C SER B 85 13.20 -24.45 24.18
N GLU B 86 14.32 -24.12 23.52
CA GLU B 86 15.16 -25.15 22.90
C GLU B 86 15.58 -26.20 23.91
N GLU B 87 15.98 -25.76 25.11
CA GLU B 87 16.45 -26.70 26.13
C GLU B 87 15.36 -27.66 26.55
N SER B 88 14.11 -27.17 26.62
CA SER B 88 13.02 -28.03 27.09
C SER B 88 12.46 -28.93 25.99
N TYR B 89 12.67 -28.57 24.72
CA TYR B 89 12.02 -29.24 23.58
C TYR B 89 13.08 -29.34 22.48
N PRO B 90 14.06 -30.21 22.67
CA PRO B 90 15.25 -30.18 21.80
C PRO B 90 14.97 -30.64 20.39
N TYR B 91 15.88 -30.29 19.50
CA TYR B 91 15.71 -30.54 18.08
C TYR B 91 16.10 -31.96 17.72
N GLU B 92 15.24 -32.63 16.96
N GLU B 92 15.25 -32.64 16.95
CA GLU B 92 15.44 -34.01 16.55
CA GLU B 92 15.47 -34.02 16.55
C GLU B 92 15.62 -34.19 15.05
C GLU B 92 15.61 -34.19 15.05
N ALA B 93 15.33 -33.18 14.24
CA ALA B 93 15.52 -33.25 12.80
C ALA B 93 14.60 -34.29 12.15
N THR B 94 13.45 -34.53 12.76
CA THR B 94 12.44 -35.42 12.22
C THR B 94 11.11 -35.01 12.84
N GLU B 95 10.02 -35.18 12.10
N GLU B 95 10.03 -35.18 12.10
CA GLU B 95 8.72 -34.76 12.61
CA GLU B 95 8.71 -34.76 12.61
C GLU B 95 8.15 -35.81 13.55
C GLU B 95 8.16 -35.82 13.56
N GLU B 96 7.60 -35.34 14.67
CA GLU B 96 7.00 -36.21 15.68
C GLU B 96 5.73 -35.58 16.21
N SER B 97 4.98 -36.32 17.02
CA SER B 97 3.75 -35.77 17.59
C SER B 97 4.07 -34.57 18.48
N CYS B 98 3.10 -33.68 18.60
N CYS B 98 3.09 -33.69 18.60
CA CYS B 98 3.31 -32.44 19.35
CA CYS B 98 3.23 -32.47 19.39
C CYS B 98 3.46 -32.73 20.84
C CYS B 98 3.50 -32.81 20.85
N LYS B 99 4.48 -32.13 21.45
CA LYS B 99 4.80 -32.33 22.86
C LYS B 99 4.86 -30.98 23.59
N TYR B 100 4.22 -29.95 23.04
CA TYR B 100 4.19 -28.65 23.68
C TYR B 100 3.68 -28.73 25.12
N ASN B 101 4.36 -28.03 26.02
CA ASN B 101 3.96 -27.94 27.42
C ASN B 101 3.98 -26.46 27.78
N PRO B 102 2.84 -25.85 28.11
CA PRO B 102 2.83 -24.40 28.36
C PRO B 102 3.68 -24.00 29.54
N LYS B 103 3.98 -24.94 30.45
CA LYS B 103 4.81 -24.59 31.61
C LYS B 103 6.21 -24.16 31.19
N TYR B 104 6.69 -24.68 30.06
CA TYR B 104 8.02 -24.38 29.55
C TYR B 104 7.99 -23.33 28.45
N SER B 105 6.86 -22.67 28.24
CA SER B 105 6.82 -21.62 27.24
C SER B 105 7.65 -20.43 27.70
N VAL B 106 8.45 -19.89 26.77
CA VAL B 106 9.27 -18.72 27.03
C VAL B 106 9.06 -17.62 26.00
N ALA B 107 8.15 -17.79 25.05
CA ALA B 107 7.92 -16.79 24.03
C ALA B 107 6.44 -16.73 23.70
N ASN B 108 6.06 -15.62 23.06
CA ASN B 108 4.67 -15.34 22.69
C ASN B 108 4.70 -14.30 21.60
N ASP B 109 3.62 -14.19 20.84
CA ASP B 109 3.46 -13.05 19.95
C ASP B 109 1.97 -12.79 19.75
N ALA B 110 1.69 -11.67 19.11
CA ALA B 110 0.32 -11.28 18.77
C ALA B 110 0.25 -11.05 17.26
N GLY B 111 0.76 -12.00 16.50
CA GLY B 111 0.73 -11.93 15.06
C GLY B 111 2.08 -11.63 14.47
N PHE B 112 2.07 -11.08 13.27
CA PHE B 112 3.30 -10.82 12.56
C PHE B 112 3.10 -9.67 11.59
N VAL B 113 4.24 -9.21 11.07
CA VAL B 113 4.31 -8.07 10.16
C VAL B 113 4.98 -8.56 8.89
N ASP B 114 4.32 -8.38 7.76
CA ASP B 114 4.94 -8.59 6.44
C ASP B 114 5.46 -7.25 5.95
N ILE B 115 6.78 -7.16 5.75
CA ILE B 115 7.39 -5.91 5.30
C ILE B 115 7.16 -5.73 3.81
N PRO B 116 6.89 -4.51 3.33
CA PRO B 116 6.71 -4.33 1.89
C PRO B 116 7.95 -4.75 1.10
N LYS B 117 7.73 -5.09 -0.16
CA LYS B 117 8.77 -5.74 -0.98
C LYS B 117 9.75 -4.72 -1.58
N GLN B 118 10.38 -3.96 -0.70
CA GLN B 118 11.46 -3.04 -1.10
C GLN B 118 12.66 -3.25 -0.20
N GLU B 119 13.86 -3.24 -0.80
CA GLU B 119 15.05 -3.33 0.03
C GLU B 119 15.21 -2.13 0.94
N LYS B 120 14.70 -0.95 0.53
CA LYS B 120 14.74 0.20 1.43
C LYS B 120 13.88 -0.06 2.66
N ALA B 121 12.72 -0.69 2.48
CA ALA B 121 11.86 -0.99 3.62
C ALA B 121 12.48 -2.06 4.49
N LEU B 122 13.12 -3.07 3.89
CA LEU B 122 13.79 -4.08 4.69
C LEU B 122 14.90 -3.45 5.51
N MET B 123 15.67 -2.55 4.90
CA MET B 123 16.74 -1.89 5.64
C MET B 123 16.20 -1.13 6.84
N LYS B 124 15.11 -0.38 6.65
CA LYS B 124 14.50 0.34 7.76
C LYS B 124 14.06 -0.62 8.87
N ALA B 125 13.43 -1.74 8.49
CA ALA B 125 12.99 -2.70 9.49
C ALA B 125 14.16 -3.30 10.24
N VAL B 126 15.22 -3.69 9.53
CA VAL B 126 16.38 -4.25 10.21
C VAL B 126 16.97 -3.23 11.18
N ALA B 127 17.02 -1.95 10.78
CA ALA B 127 17.62 -0.93 11.62
C ALA B 127 16.76 -0.62 12.84
N THR B 128 15.45 -0.83 12.74
CA THR B 128 14.50 -0.41 13.77
C THR B 128 14.11 -1.54 14.71
N VAL B 129 13.86 -2.72 14.16
CA VAL B 129 13.16 -3.79 14.85
C VAL B 129 14.11 -4.84 15.42
N GLY B 130 15.13 -5.20 14.66
CA GLY B 130 15.94 -6.33 15.02
C GLY B 130 16.02 -7.31 13.85
N PRO B 131 16.44 -8.53 14.14
CA PRO B 131 16.57 -9.54 13.07
C PRO B 131 15.23 -9.81 12.42
N ILE B 132 15.29 -10.06 11.11
CA ILE B 132 14.13 -10.18 10.26
C ILE B 132 14.19 -11.51 9.53
N SER B 133 13.09 -12.26 9.53
CA SER B 133 12.98 -13.47 8.74
C SER B 133 12.85 -13.11 7.27
N VAL B 134 13.59 -13.80 6.40
CA VAL B 134 13.49 -13.60 4.95
C VAL B 134 13.55 -14.95 4.26
N ALA B 135 12.97 -14.98 3.06
CA ALA B 135 13.14 -16.11 2.14
C ALA B 135 14.04 -15.68 0.99
N ILE B 136 14.94 -16.58 0.59
CA ILE B 136 15.86 -16.32 -0.51
C ILE B 136 15.84 -17.50 -1.48
N ASP B 137 16.26 -17.21 -2.72
CA ASP B 137 16.55 -18.25 -3.71
C ASP B 137 17.94 -18.77 -3.36
N ALA B 138 17.98 -19.91 -2.68
CA ALA B 138 19.23 -20.56 -2.32
C ALA B 138 19.50 -21.79 -3.15
N GLY B 139 18.73 -22.00 -4.22
CA GLY B 139 18.77 -23.22 -5.00
C GLY B 139 19.84 -23.26 -6.07
N HIS B 140 21.06 -22.84 -5.71
CA HIS B 140 22.19 -22.82 -6.60
C HIS B 140 23.41 -23.38 -5.88
N GLU B 141 24.23 -24.16 -6.57
CA GLU B 141 25.37 -24.75 -5.88
C GLU B 141 26.34 -23.69 -5.37
N SER B 142 26.38 -22.51 -6.01
CA SER B 142 27.20 -21.44 -5.46
C SER B 142 26.78 -21.09 -4.03
N PHE B 143 25.50 -21.22 -3.70
CA PHE B 143 25.09 -20.97 -2.31
C PHE B 143 25.49 -22.12 -1.39
N LEU B 144 25.32 -23.36 -1.86
CA LEU B 144 25.75 -24.52 -1.10
C LEU B 144 27.24 -24.44 -0.76
N PHE B 145 28.06 -24.04 -1.74
CA PHE B 145 29.50 -24.06 -1.59
C PHE B 145 30.05 -22.75 -1.05
N TYR B 146 29.18 -21.83 -0.63
CA TYR B 146 29.62 -20.52 -0.19
C TYR B 146 30.53 -20.64 1.03
N LYS B 147 31.62 -19.89 1.00
CA LYS B 147 32.60 -19.89 2.09
C LYS B 147 32.86 -18.50 2.64
N GLU B 148 32.93 -17.48 1.77
N GLU B 148 32.99 -17.50 1.77
CA GLU B 148 33.34 -16.14 2.16
CA GLU B 148 33.28 -16.13 2.21
C GLU B 148 32.95 -15.18 1.04
C GLU B 148 32.94 -15.19 1.06
N GLY B 149 32.86 -13.89 1.38
CA GLY B 149 32.64 -12.85 0.39
C GLY B 149 31.19 -12.41 0.32
N ILE B 150 30.94 -11.47 -0.58
CA ILE B 150 29.59 -10.97 -0.82
C ILE B 150 28.98 -11.86 -1.89
N TYR B 151 27.97 -12.61 -1.50
CA TYR B 151 27.35 -13.60 -2.37
C TYR B 151 26.57 -12.89 -3.48
N PHE B 152 26.86 -13.27 -4.71
CA PHE B 152 26.12 -12.81 -5.88
C PHE B 152 26.06 -13.97 -6.86
N GLU B 153 24.85 -14.37 -7.23
CA GLU B 153 24.59 -15.47 -8.15
C GLU B 153 23.81 -14.92 -9.33
N PRO B 154 24.41 -14.75 -10.51
CA PRO B 154 23.68 -14.14 -11.62
C PRO B 154 22.41 -14.87 -12.02
N ASP B 155 22.26 -16.15 -11.68
CA ASP B 155 21.06 -16.90 -12.00
C ASP B 155 20.01 -16.85 -10.90
N CYS B 156 20.20 -16.02 -9.88
CA CYS B 156 19.27 -15.98 -8.74
C CYS B 156 17.95 -15.34 -9.15
N SER B 157 16.86 -15.88 -8.59
CA SER B 157 15.52 -15.34 -8.82
C SER B 157 15.19 -14.36 -7.71
N SER B 158 14.61 -13.22 -8.08
CA SER B 158 14.11 -12.27 -7.10
C SER B 158 12.66 -12.54 -6.71
N GLU B 159 12.00 -13.48 -7.38
CA GLU B 159 10.61 -13.79 -7.16
C GLU B 159 10.36 -15.15 -6.54
N ASP B 160 11.15 -16.17 -6.92
CA ASP B 160 10.92 -17.55 -6.51
C ASP B 160 11.98 -17.98 -5.51
N MET B 161 11.62 -17.96 -4.24
CA MET B 161 12.54 -18.30 -3.16
C MET B 161 12.23 -19.70 -2.65
N ASP B 162 13.23 -20.31 -1.99
CA ASP B 162 13.08 -21.69 -1.53
C ASP B 162 13.68 -21.95 -0.17
N HIS B 163 14.16 -20.92 0.53
CA HIS B 163 14.96 -21.14 1.73
C HIS B 163 14.78 -19.98 2.70
N GLY B 164 14.47 -20.30 3.95
CA GLY B 164 14.24 -19.28 4.96
C GLY B 164 15.48 -19.07 5.80
N VAL B 165 15.87 -17.80 5.95
CA VAL B 165 17.05 -17.41 6.72
C VAL B 165 16.72 -16.15 7.54
N LEU B 166 17.73 -15.55 8.15
CA LEU B 166 17.52 -14.47 9.12
C LEU B 166 18.51 -13.35 8.84
N VAL B 167 17.99 -12.16 8.51
CA VAL B 167 18.85 -10.99 8.34
C VAL B 167 19.13 -10.42 9.72
N VAL B 168 20.40 -10.36 10.11
CA VAL B 168 20.75 -9.82 11.42
C VAL B 168 21.44 -8.47 11.31
N GLY B 169 21.62 -7.95 10.11
CA GLY B 169 22.24 -6.66 9.94
C GLY B 169 22.55 -6.40 8.48
N TYR B 170 23.35 -5.37 8.25
CA TYR B 170 23.79 -5.00 6.92
C TYR B 170 25.02 -4.12 7.06
N GLY B 171 25.76 -3.99 5.97
CA GLY B 171 26.99 -3.23 6.02
C GLY B 171 27.44 -2.82 4.64
N PHE B 172 28.67 -2.33 4.59
CA PHE B 172 29.19 -1.72 3.38
C PHE B 172 30.62 -2.18 3.16
N GLU B 173 31.11 -1.93 1.95
CA GLU B 173 32.49 -2.26 1.62
C GLU B 173 33.46 -1.24 2.20
N SER B 174 33.11 0.05 2.17
CA SER B 174 33.93 1.07 2.79
C SER B 174 33.07 2.24 3.24
N THR B 175 33.66 3.11 4.06
CA THR B 175 32.92 4.23 4.64
C THR B 175 32.62 5.33 3.63
N GLU B 176 33.39 5.42 2.55
CA GLU B 176 33.21 6.49 1.56
C GLU B 176 32.82 5.91 0.20
N SER B 177 32.12 4.77 0.21
CA SER B 177 31.68 4.12 -1.01
C SER B 177 30.33 3.47 -0.80
N ASP B 178 29.51 3.50 -1.85
CA ASP B 178 28.19 2.87 -1.84
C ASP B 178 28.16 1.61 -2.70
N ASN B 179 29.31 0.99 -2.93
CA ASN B 179 29.43 -0.22 -3.72
C ASN B 179 29.52 -1.44 -2.80
N ASN B 180 29.14 -2.59 -3.36
CA ASN B 180 29.23 -3.88 -2.68
C ASN B 180 28.72 -3.82 -1.24
N LYS B 181 27.53 -3.27 -1.08
CA LYS B 181 26.84 -3.37 0.19
C LYS B 181 26.34 -4.81 0.39
N TYR B 182 26.05 -5.16 1.64
CA TYR B 182 25.58 -6.51 1.93
C TYR B 182 24.59 -6.58 3.08
N TRP B 183 23.75 -7.60 3.02
CA TRP B 183 22.93 -8.06 4.13
C TRP B 183 23.73 -9.10 4.90
N LEU B 184 23.71 -9.03 6.22
CA LEU B 184 24.34 -10.05 7.05
C LEU B 184 23.28 -11.08 7.42
N VAL B 185 23.49 -12.33 6.97
CA VAL B 185 22.44 -13.35 7.00
C VAL B 185 22.93 -14.55 7.79
N LYS B 186 22.11 -14.97 8.75
CA LYS B 186 22.32 -16.17 9.55
C LYS B 186 21.60 -17.34 8.90
N ASN B 187 22.34 -18.40 8.58
CA ASN B 187 21.76 -19.61 8.00
C ASN B 187 21.61 -20.66 9.10
N SER B 188 20.97 -21.78 8.76
CA SER B 188 20.72 -22.85 9.72
C SER B 188 21.32 -24.16 9.22
N TRP B 189 22.51 -24.07 8.62
CA TRP B 189 23.22 -25.23 8.11
C TRP B 189 24.49 -25.52 8.91
N GLY B 190 24.56 -25.07 10.16
CA GLY B 190 25.73 -25.29 10.98
C GLY B 190 26.81 -24.27 10.75
N GLU B 191 27.77 -24.23 11.67
CA GLU B 191 28.79 -23.19 11.58
C GLU B 191 29.92 -23.56 10.63
N GLU B 192 29.93 -24.80 10.12
CA GLU B 192 30.92 -25.19 9.12
C GLU B 192 30.61 -24.59 7.75
N TRP B 193 29.35 -24.32 7.46
CA TRP B 193 28.98 -23.69 6.21
C TRP B 193 29.25 -22.20 6.24
N GLY B 194 29.67 -21.67 5.09
CA GLY B 194 29.84 -20.24 4.97
C GLY B 194 30.86 -19.69 5.94
N MET B 195 30.57 -18.49 6.45
CA MET B 195 31.44 -17.73 7.34
C MET B 195 30.90 -17.95 8.76
N GLY B 196 31.32 -19.05 9.37
CA GLY B 196 30.79 -19.40 10.67
C GLY B 196 29.29 -19.60 10.67
N GLY B 197 28.72 -20.03 9.54
CA GLY B 197 27.29 -20.21 9.41
C GLY B 197 26.54 -19.02 8.86
N TYR B 198 27.25 -17.93 8.57
CA TYR B 198 26.70 -16.69 8.05
C TYR B 198 27.10 -16.50 6.60
N VAL B 199 26.35 -15.64 5.91
CA VAL B 199 26.63 -15.27 4.54
C VAL B 199 26.34 -13.78 4.40
N LYS B 200 27.23 -13.09 3.68
CA LYS B 200 26.99 -11.72 3.26
C LYS B 200 26.34 -11.77 1.88
N MET B 201 25.13 -11.25 1.78
N MET B 201 25.11 -11.27 1.79
CA MET B 201 24.38 -11.30 0.52
CA MET B 201 24.34 -11.28 0.56
C MET B 201 24.27 -9.91 -0.08
C MET B 201 24.33 -9.90 -0.07
N ALA B 202 24.45 -9.84 -1.39
CA ALA B 202 24.41 -8.57 -2.11
C ALA B 202 23.15 -7.78 -1.73
N LYS B 203 23.36 -6.51 -1.39
CA LYS B 203 22.33 -5.60 -0.96
C LYS B 203 22.21 -4.47 -1.97
N ASP B 204 20.97 -4.10 -2.27
CA ASP B 204 20.63 -3.00 -3.18
C ASP B 204 21.14 -3.28 -4.58
N ARG B 205 21.17 -4.56 -4.94
CA ARG B 205 21.40 -5.01 -6.31
C ARG B 205 20.13 -5.69 -6.82
N ARG B 206 19.08 -4.90 -7.06
CA ARG B 206 17.83 -5.37 -7.66
C ARG B 206 17.22 -6.53 -6.86
N ASN B 207 17.21 -6.39 -5.53
CA ASN B 207 16.56 -7.37 -4.65
C ASN B 207 17.13 -8.77 -4.91
N HIS B 208 18.43 -8.88 -4.76
CA HIS B 208 19.12 -10.09 -5.19
C HIS B 208 18.67 -11.28 -4.37
N CYS B 209 18.34 -12.36 -5.08
CA CYS B 209 17.85 -13.62 -4.54
C CYS B 209 16.54 -13.46 -3.79
N GLY B 210 15.84 -12.34 -4.02
CA GLY B 210 14.53 -12.16 -3.46
C GLY B 210 14.52 -11.84 -1.99
N ILE B 211 15.63 -11.34 -1.44
CA ILE B 211 15.75 -11.20 0.00
C ILE B 211 14.67 -10.30 0.59
N ALA B 212 14.17 -9.33 -0.17
CA ALA B 212 13.12 -8.45 0.33
C ALA B 212 11.72 -8.85 -0.13
N SER B 213 11.59 -9.98 -0.82
CA SER B 213 10.30 -10.36 -1.38
C SER B 213 9.36 -11.02 -0.38
N ALA B 214 9.86 -11.55 0.73
CA ALA B 214 9.01 -12.21 1.71
C ALA B 214 9.63 -12.06 3.10
N ALA B 215 9.83 -10.82 3.50
CA ALA B 215 10.44 -10.51 4.79
C ALA B 215 9.36 -10.28 5.84
N SER B 216 9.57 -10.83 7.03
CA SER B 216 8.58 -10.66 8.10
C SER B 216 9.22 -10.81 9.47
N TYR B 217 8.45 -10.45 10.49
CA TYR B 217 8.87 -10.63 11.87
C TYR B 217 7.64 -10.69 12.75
N PRO B 218 7.74 -11.31 13.92
CA PRO B 218 6.58 -11.40 14.81
C PRO B 218 6.33 -10.13 15.60
N THR B 219 5.04 -9.92 15.87
CA THR B 219 4.56 -8.83 16.71
C THR B 219 4.68 -9.23 18.17
N VAL B 220 5.57 -8.57 18.90
CA VAL B 220 5.73 -8.85 20.32
C VAL B 220 5.60 -7.56 21.11
N PRO C 2 -10.15 17.59 -30.07
CA PRO C 2 -11.09 16.60 -29.51
C PRO C 2 -11.67 17.03 -28.16
N ARG C 3 -12.91 16.61 -27.88
CA ARG C 3 -13.57 17.05 -26.65
C ARG C 3 -12.99 16.35 -25.42
N SER C 4 -12.49 15.12 -25.57
CA SER C 4 -11.86 14.41 -24.48
C SER C 4 -10.73 13.54 -25.02
N VAL C 5 -9.70 13.36 -24.20
CA VAL C 5 -8.52 12.58 -24.55
C VAL C 5 -8.09 11.77 -23.33
N ASP C 6 -7.65 10.53 -23.58
CA ASP C 6 -7.06 9.69 -22.52
C ASP C 6 -6.01 8.80 -23.18
N TRP C 7 -4.73 9.16 -23.01
CA TRP C 7 -3.66 8.43 -23.67
C TRP C 7 -3.44 7.04 -23.07
N ARG C 8 -3.99 6.76 -21.90
CA ARG C 8 -3.88 5.43 -21.33
C ARG C 8 -4.51 4.39 -22.25
N GLU C 9 -5.60 4.77 -22.93
CA GLU C 9 -6.34 3.85 -23.79
C GLU C 9 -5.58 3.50 -25.06
N LYS C 10 -4.50 4.20 -25.36
CA LYS C 10 -3.69 3.95 -26.55
C LYS C 10 -2.37 3.28 -26.22
N GLY C 11 -2.12 2.98 -24.95
CA GLY C 11 -0.94 2.25 -24.56
C GLY C 11 0.27 3.12 -24.30
N TYR C 12 0.07 4.41 -24.07
CA TYR C 12 1.18 5.34 -23.88
C TYR C 12 1.67 5.45 -22.44
N VAL C 13 0.98 4.83 -21.47
CA VAL C 13 1.17 5.16 -20.06
C VAL C 13 1.43 3.90 -19.25
N THR C 14 2.53 3.91 -18.48
CA THR C 14 2.89 2.81 -17.59
C THR C 14 2.05 2.88 -16.33
N PRO C 15 2.08 1.83 -15.49
CA PRO C 15 1.33 1.88 -14.24
C PRO C 15 1.85 2.98 -13.33
N VAL C 16 1.02 3.32 -12.34
CA VAL C 16 1.38 4.34 -11.36
C VAL C 16 2.53 3.83 -10.50
N LYS C 17 3.51 4.70 -10.28
CA LYS C 17 4.71 4.44 -9.48
C LYS C 17 4.59 5.22 -8.19
N ASN C 18 5.54 5.00 -7.28
CA ASN C 18 5.54 5.68 -5.99
C ASN C 18 6.94 6.22 -5.71
N GLN C 19 7.05 7.54 -5.63
CA GLN C 19 8.37 8.12 -5.38
C GLN C 19 8.83 7.96 -3.94
N GLY C 20 7.94 7.54 -3.04
CA GLY C 20 8.32 7.37 -1.65
C GLY C 20 8.57 8.71 -1.00
N GLN C 21 9.46 8.70 -0.01
N GLN C 21 9.48 8.76 -0.04
CA GLN C 21 9.89 9.90 0.70
CA GLN C 21 9.75 10.00 0.69
C GLN C 21 11.21 10.38 0.08
C GLN C 21 10.89 10.82 0.08
N CYS C 22 11.08 10.85 -1.15
N CYS C 22 11.10 10.70 -1.22
CA CYS C 22 12.20 11.40 -1.93
CA CYS C 22 12.17 11.39 -1.94
C CYS C 22 11.57 12.47 -2.81
C CYS C 22 11.54 12.48 -2.80
N GLY C 23 12.17 13.65 -2.84
CA GLY C 23 11.69 14.75 -3.66
C GLY C 23 12.04 14.60 -5.13
N SER C 24 11.57 13.50 -5.72
CA SER C 24 11.96 13.14 -7.06
C SER C 24 10.80 13.13 -8.04
N CSO C 25 9.71 13.83 -7.71
N CSO C 25 9.71 13.83 -7.70
CA CSO C 25 8.55 13.86 -8.60
CA CSO C 25 8.55 13.90 -8.58
CB CSO C 25 7.49 14.82 -8.05
CB CSO C 25 7.51 14.91 -8.04
SG CSO C 25 8.21 16.44 -7.71
SG CSO C 25 8.23 16.56 -7.85
C CSO C 25 8.94 14.27 -10.02
C CSO C 25 8.95 14.27 -10.01
O CSO C 25 8.42 13.74 -11.00
O CSO C 25 8.42 13.73 -10.98
OD CSO C 25 8.38 16.68 -5.95
HA CSO C 25 8.15 12.96 -8.65
HA CSO C 25 8.12 13.01 -8.60
HB2 CSO C 25 7.12 14.47 -7.22
HB2 CSO C 25 7.20 14.61 -7.17
HB3 CSO C 25 6.77 14.93 -8.70
HB3 CSO C 25 6.77 14.96 -8.66
HD CSO C 25 9.14 16.17 -5.61
N TRP C 26 9.89 15.19 -10.13
CA TRP C 26 10.37 15.65 -11.43
C TRP C 26 10.88 14.49 -12.28
N ALA C 27 11.47 13.47 -11.63
CA ALA C 27 12.00 12.33 -12.37
C ALA C 27 10.88 11.43 -12.87
N PHE C 28 9.84 11.23 -12.05
CA PHE C 28 8.68 10.44 -12.45
C PHE C 28 7.88 11.16 -13.53
N SER C 29 7.73 12.48 -13.42
CA SER C 29 7.08 13.24 -14.49
C SER C 29 7.86 13.09 -15.79
N ALA C 30 9.18 13.14 -15.70
CA ALA C 30 10.01 13.06 -16.90
C ALA C 30 9.96 11.66 -17.51
N THR C 31 10.10 10.62 -16.70
CA THR C 31 10.05 9.29 -17.29
C THR C 31 8.68 9.03 -17.91
N GLY C 32 7.61 9.56 -17.30
CA GLY C 32 6.29 9.37 -17.88
C GLY C 32 6.15 10.03 -19.23
N ALA C 33 6.66 11.25 -19.36
CA ALA C 33 6.58 11.92 -20.66
C ALA C 33 7.45 11.21 -21.68
N LEU C 34 8.65 10.78 -21.27
CA LEU C 34 9.55 10.07 -22.18
C LEU C 34 9.01 8.68 -22.51
N GLU C 35 8.35 8.02 -21.55
CA GLU C 35 7.71 6.74 -21.86
C GLU C 35 6.68 6.91 -22.97
N GLY C 36 5.89 7.97 -22.91
CA GLY C 36 4.87 8.19 -23.93
C GLY C 36 5.46 8.51 -25.30
N GLN C 37 6.52 9.32 -25.33
CA GLN C 37 7.11 9.69 -26.62
C GLN C 37 7.91 8.53 -27.20
N MET C 38 8.52 7.72 -26.34
CA MET C 38 9.19 6.51 -26.81
C MET C 38 8.17 5.52 -27.37
N PHE C 39 6.99 5.43 -26.76
CA PHE C 39 5.94 4.59 -27.33
C PHE C 39 5.46 5.17 -28.66
N ARG C 40 5.20 6.48 -28.71
CA ARG C 40 4.77 7.12 -29.94
C ARG C 40 5.73 6.85 -31.08
N LYS C 41 7.04 6.84 -30.78
CA LYS C 41 8.04 6.70 -31.82
C LYS C 41 8.28 5.24 -32.19
N THR C 42 8.22 4.33 -31.21
CA THR C 42 8.69 2.97 -31.39
C THR C 42 7.62 1.90 -31.25
N GLY C 43 6.48 2.20 -30.64
CA GLY C 43 5.48 1.17 -30.41
C GLY C 43 5.77 0.26 -29.23
N ARG C 44 6.81 0.54 -28.46
CA ARG C 44 7.18 -0.22 -27.28
C ARG C 44 6.93 0.66 -26.06
N LEU C 45 6.21 0.13 -25.08
CA LEU C 45 6.05 0.81 -23.79
C LEU C 45 6.98 0.13 -22.79
N ILE C 46 8.07 0.81 -22.44
CA ILE C 46 9.05 0.32 -21.47
C ILE C 46 9.14 1.30 -20.32
N SER C 47 8.93 0.82 -19.11
CA SER C 47 9.11 1.64 -17.92
C SER C 47 10.58 2.07 -17.79
N LEU C 48 10.80 3.37 -17.54
CA LEU C 48 12.12 3.97 -17.52
C LEU C 48 12.60 4.26 -16.09
N SER C 49 13.92 4.41 -15.95
CA SER C 49 14.55 4.45 -14.63
C SER C 49 14.57 5.86 -14.05
N GLU C 50 13.74 6.10 -13.04
CA GLU C 50 13.83 7.35 -12.30
C GLU C 50 15.15 7.42 -11.52
N GLN C 51 15.64 6.29 -11.01
CA GLN C 51 16.88 6.31 -10.25
C GLN C 51 18.05 6.79 -11.11
N ASN C 52 18.09 6.37 -12.38
CA ASN C 52 19.04 6.91 -13.34
C ASN C 52 19.04 8.43 -13.35
N LEU C 53 17.85 9.04 -13.39
CA LEU C 53 17.78 10.50 -13.40
C LEU C 53 18.23 11.08 -12.07
N VAL C 54 17.78 10.49 -10.96
CA VAL C 54 18.13 11.01 -9.63
C VAL C 54 19.63 10.98 -9.43
N ASP C 55 20.28 9.88 -9.83
CA ASP C 55 21.70 9.71 -9.55
C ASP C 55 22.60 10.47 -10.50
N CYS C 56 22.15 10.76 -11.72
CA CYS C 56 23.05 11.11 -12.81
C CYS C 56 22.83 12.49 -13.43
N SER C 57 21.68 13.14 -13.22
CA SER C 57 21.38 14.37 -13.93
C SER C 57 21.72 15.62 -13.13
N GLY C 58 22.59 15.50 -12.12
CA GLY C 58 23.12 16.67 -11.45
C GLY C 58 23.79 17.69 -12.36
N PRO C 59 24.61 17.25 -13.31
CA PRO C 59 25.29 18.24 -14.16
C PRO C 59 24.33 19.09 -14.97
N GLN C 60 23.12 18.59 -15.22
CA GLN C 60 22.12 19.38 -15.92
C GLN C 60 21.34 20.31 -15.00
N GLY C 61 21.59 20.26 -13.69
CA GLY C 61 20.96 21.16 -12.74
C GLY C 61 20.01 20.50 -11.76
N ASN C 62 19.81 19.19 -11.84
CA ASN C 62 18.93 18.52 -10.90
C ASN C 62 19.66 18.21 -9.61
N GLU C 63 18.88 18.03 -8.55
CA GLU C 63 19.40 17.86 -7.20
C GLU C 63 18.77 16.64 -6.52
N GLY C 64 18.61 15.56 -7.28
CA GLY C 64 18.28 14.28 -6.68
C GLY C 64 16.97 14.33 -5.94
N CYS C 65 17.00 13.89 -4.68
CA CYS C 65 15.80 13.92 -3.85
C CYS C 65 15.49 15.30 -3.28
N ASN C 66 16.36 16.28 -3.52
CA ASN C 66 16.11 17.64 -3.06
C ASN C 66 15.47 18.51 -4.14
N GLY C 67 15.08 17.93 -5.26
CA GLY C 67 14.33 18.65 -6.27
C GLY C 67 15.04 18.61 -7.61
N GLY C 68 14.31 19.10 -8.61
CA GLY C 68 14.76 18.99 -9.98
C GLY C 68 13.69 19.52 -10.91
N LEU C 69 13.99 19.44 -12.19
CA LEU C 69 13.08 19.91 -13.22
C LEU C 69 13.01 18.86 -14.32
N MET C 70 11.81 18.66 -14.85
CA MET C 70 11.65 17.71 -15.94
C MET C 70 12.53 18.10 -17.13
N ASP C 71 12.61 19.40 -17.46
CA ASP C 71 13.41 19.80 -18.61
C ASP C 71 14.88 19.44 -18.42
N TYR C 72 15.39 19.54 -17.19
CA TYR C 72 16.77 19.16 -16.92
C TYR C 72 16.97 17.66 -17.13
N ALA C 73 15.97 16.86 -16.74
CA ALA C 73 16.01 15.42 -17.00
C ALA C 73 16.03 15.14 -18.50
N PHE C 74 15.20 15.83 -19.27
CA PHE C 74 15.22 15.63 -20.72
C PHE C 74 16.59 16.00 -21.28
N GLN C 75 17.19 17.06 -20.74
CA GLN C 75 18.51 17.49 -21.20
C GLN C 75 19.56 16.44 -20.88
N TYR C 76 19.48 15.83 -19.70
CA TYR C 76 20.40 14.76 -19.35
C TYR C 76 20.32 13.61 -20.36
N VAL C 77 19.11 13.17 -20.69
CA VAL C 77 18.99 12.03 -21.58
C VAL C 77 19.65 12.34 -22.92
N GLN C 78 19.49 13.57 -23.41
CA GLN C 78 20.15 13.98 -24.64
C GLN C 78 21.67 13.99 -24.49
N ASP C 79 22.16 14.64 -23.44
CA ASP C 79 23.61 14.73 -23.23
C ASP C 79 24.23 13.36 -23.03
N ASN C 80 23.52 12.49 -22.32
CA ASN C 80 24.00 11.17 -21.93
C ASN C 80 23.94 10.18 -23.09
N GLY C 81 23.09 10.44 -24.07
CA GLY C 81 22.88 9.49 -25.14
C GLY C 81 22.02 8.30 -24.76
N GLY C 82 21.35 8.33 -23.61
CA GLY C 82 20.47 7.23 -23.28
C GLY C 82 19.95 7.34 -21.87
N LEU C 83 19.07 6.38 -21.55
CA LEU C 83 18.45 6.24 -20.24
C LEU C 83 18.12 4.77 -20.04
N ASP C 84 18.49 4.23 -18.88
CA ASP C 84 18.28 2.82 -18.61
C ASP C 84 16.81 2.55 -18.28
N SER C 85 16.42 1.29 -18.45
CA SER C 85 15.09 0.84 -18.10
C SER C 85 14.92 0.77 -16.59
N GLU C 86 13.66 0.88 -16.16
CA GLU C 86 13.32 0.71 -14.75
C GLU C 86 13.77 -0.66 -14.25
N GLU C 87 13.54 -1.70 -15.06
CA GLU C 87 13.91 -3.06 -14.65
C GLU C 87 15.42 -3.17 -14.42
N SER C 88 16.21 -2.53 -15.27
CA SER C 88 17.65 -2.65 -15.15
C SER C 88 18.24 -1.78 -14.05
N TYR C 89 17.56 -0.70 -13.67
CA TYR C 89 18.11 0.32 -12.77
C TYR C 89 16.95 0.75 -11.88
N PRO C 90 16.53 -0.11 -10.97
CA PRO C 90 15.26 0.12 -10.26
C PRO C 90 15.38 1.19 -9.18
N TYR C 91 14.21 1.66 -8.76
CA TYR C 91 14.10 2.83 -7.93
C TYR C 91 14.42 2.51 -6.48
N GLU C 92 15.27 3.34 -5.87
CA GLU C 92 15.72 3.15 -4.50
C GLU C 92 15.26 4.26 -3.56
N ALA C 93 14.71 5.35 -4.08
CA ALA C 93 14.19 6.44 -3.26
C ALA C 93 15.27 7.10 -2.42
N THR C 94 16.54 7.00 -2.85
CA THR C 94 17.65 7.68 -2.20
C THR C 94 18.63 8.00 -3.32
N GLU C 95 19.37 9.10 -3.17
CA GLU C 95 20.34 9.48 -4.20
C GLU C 95 21.66 8.77 -3.95
N GLU C 96 22.21 8.17 -5.00
CA GLU C 96 23.48 7.45 -4.94
C GLU C 96 24.31 7.81 -6.15
N SER C 97 25.52 7.26 -6.23
CA SER C 97 26.38 7.50 -7.37
C SER C 97 25.77 6.93 -8.66
N CYS C 98 26.13 7.54 -9.77
N CYS C 98 26.14 7.56 -9.78
CA CYS C 98 25.55 7.16 -11.06
CA CYS C 98 25.64 7.15 -11.09
C CYS C 98 26.01 5.78 -11.48
C CYS C 98 26.02 5.72 -11.41
N LYS C 99 25.05 4.94 -11.87
CA LYS C 99 25.31 3.55 -12.24
C LYS C 99 24.87 3.28 -13.67
N TYR C 100 24.70 4.33 -14.47
CA TYR C 100 24.22 4.17 -15.82
C TYR C 100 25.10 3.21 -16.61
N ASN C 101 24.46 2.34 -17.39
CA ASN C 101 25.14 1.41 -18.26
C ASN C 101 24.54 1.56 -19.65
N PRO C 102 25.32 1.96 -20.66
CA PRO C 102 24.73 2.19 -21.99
C PRO C 102 24.16 0.92 -22.60
N LYS C 103 24.64 -0.26 -22.20
CA LYS C 103 24.12 -1.50 -22.74
C LYS C 103 22.65 -1.70 -22.37
N TYR C 104 22.15 -1.00 -21.37
CA TYR C 104 20.77 -1.18 -20.92
C TYR C 104 19.90 0.03 -21.23
N SER C 105 20.40 0.96 -22.05
CA SER C 105 19.59 2.10 -22.44
C SER C 105 18.42 1.64 -23.30
N VAL C 106 17.25 2.20 -23.06
CA VAL C 106 16.09 1.83 -23.86
C VAL C 106 15.39 3.08 -24.37
N ALA C 107 16.00 4.25 -24.13
CA ALA C 107 15.36 5.50 -24.49
C ALA C 107 16.41 6.54 -24.82
N ASN C 108 16.00 7.52 -25.62
CA ASN C 108 16.85 8.59 -26.09
C ASN C 108 15.95 9.81 -26.29
N ASP C 109 16.54 10.98 -26.33
CA ASP C 109 15.80 12.13 -26.84
C ASP C 109 16.77 13.09 -27.50
N ALA C 110 16.22 13.99 -28.30
CA ALA C 110 16.97 14.97 -29.06
C ALA C 110 16.67 16.39 -28.58
N GLY C 111 16.31 16.53 -27.31
CA GLY C 111 15.95 17.80 -26.74
C GLY C 111 14.56 17.77 -26.14
N PHE C 112 13.96 18.94 -25.98
CA PHE C 112 12.64 19.00 -25.40
C PHE C 112 11.97 20.28 -25.87
N VAL C 113 10.66 20.33 -25.64
CA VAL C 113 9.79 21.40 -26.10
C VAL C 113 9.02 21.91 -24.90
N ASP C 114 9.14 23.21 -24.63
CA ASP C 114 8.32 23.87 -23.62
C ASP C 114 7.08 24.45 -24.28
N ILE C 115 5.94 24.29 -23.63
CA ILE C 115 4.65 24.69 -24.18
C ILE C 115 4.34 26.11 -23.70
N PRO C 116 3.70 26.95 -24.53
CA PRO C 116 3.28 28.28 -24.05
C PRO C 116 2.44 28.16 -22.79
N LYS C 117 2.54 29.19 -21.94
CA LYS C 117 1.88 29.19 -20.63
C LYS C 117 0.42 29.63 -20.78
N GLN C 118 -0.35 28.80 -21.47
CA GLN C 118 -1.79 29.01 -21.60
C GLN C 118 -2.47 27.65 -21.70
N GLU C 119 -3.63 27.52 -21.07
CA GLU C 119 -4.28 26.20 -21.01
C GLU C 119 -4.76 25.72 -22.37
N LYS C 120 -5.10 26.63 -23.30
CA LYS C 120 -5.51 26.15 -24.62
C LYS C 120 -4.32 25.54 -25.37
N ALA C 121 -3.12 26.07 -25.16
CA ALA C 121 -1.94 25.49 -25.79
C ALA C 121 -1.61 24.14 -25.17
N LEU C 122 -1.76 24.03 -23.85
CA LEU C 122 -1.60 22.73 -23.21
C LEU C 122 -2.59 21.73 -23.76
N MET C 123 -3.85 22.14 -23.92
CA MET C 123 -4.85 21.26 -24.50
C MET C 123 -4.42 20.79 -25.89
N LYS C 124 -3.96 21.73 -26.72
CA LYS C 124 -3.48 21.37 -28.05
C LYS C 124 -2.33 20.37 -27.99
N ALA C 125 -1.36 20.62 -27.10
CA ALA C 125 -0.25 19.69 -26.94
C ALA C 125 -0.73 18.32 -26.49
N VAL C 126 -1.58 18.28 -25.45
CA VAL C 126 -2.07 16.99 -24.98
C VAL C 126 -2.78 16.26 -26.11
N ALA C 127 -3.57 16.98 -26.90
CA ALA C 127 -4.38 16.34 -27.93
C ALA C 127 -3.55 15.79 -29.08
N THR C 128 -2.37 16.35 -29.33
CA THR C 128 -1.60 15.99 -30.52
C THR C 128 -0.25 15.33 -30.24
N VAL C 129 0.29 15.44 -29.03
CA VAL C 129 1.63 14.95 -28.74
C VAL C 129 1.59 13.66 -27.94
N GLY C 130 0.82 13.66 -26.86
CA GLY C 130 0.89 12.59 -25.89
C GLY C 130 0.91 13.18 -24.50
N PRO C 131 1.24 12.34 -23.52
CA PRO C 131 1.33 12.83 -22.13
C PRO C 131 2.37 13.93 -21.99
N ILE C 132 2.02 14.95 -21.20
CA ILE C 132 2.81 16.17 -21.07
C ILE C 132 3.24 16.31 -19.62
N SER C 133 4.54 16.57 -19.42
CA SER C 133 5.05 16.90 -18.09
C SER C 133 4.58 18.29 -17.67
N VAL C 134 4.10 18.41 -16.43
CA VAL C 134 3.66 19.69 -15.90
C VAL C 134 4.07 19.81 -14.45
N ALA C 135 4.20 21.05 -13.98
CA ALA C 135 4.38 21.36 -12.57
C ALA C 135 3.12 22.02 -12.03
N ILE C 136 2.73 21.64 -10.81
CA ILE C 136 1.54 22.17 -10.16
C ILE C 136 1.86 22.58 -8.73
N ASP C 137 0.97 23.41 -8.17
CA ASP C 137 1.00 23.73 -6.74
C ASP C 137 0.23 22.63 -6.03
N ALA C 138 0.95 21.69 -5.41
CA ALA C 138 0.32 20.62 -4.65
C ALA C 138 0.49 20.79 -3.14
N GLY C 139 0.86 21.98 -2.70
CA GLY C 139 1.18 22.21 -1.30
C GLY C 139 -0.02 22.56 -0.45
N HIS C 140 -1.09 21.78 -0.60
CA HIS C 140 -2.32 21.97 0.17
C HIS C 140 -2.79 20.60 0.63
N GLU C 141 -3.25 20.53 1.88
CA GLU C 141 -3.67 19.24 2.39
C GLU C 141 -4.85 18.67 1.60
N SER C 142 -5.63 19.53 0.94
CA SER C 142 -6.71 19.03 0.09
C SER C 142 -6.16 18.17 -1.04
N PHE C 143 -4.95 18.49 -1.52
CA PHE C 143 -4.34 17.64 -2.53
C PHE C 143 -3.83 16.34 -1.91
N LEU C 144 -3.26 16.41 -0.72
CA LEU C 144 -2.84 15.18 -0.05
C LEU C 144 -4.02 14.23 0.14
N PHE C 145 -5.19 14.78 0.47
CA PHE C 145 -6.34 13.97 0.84
C PHE C 145 -7.24 13.64 -0.33
N TYR C 146 -6.83 13.99 -1.54
CA TYR C 146 -7.70 13.82 -2.69
C TYR C 146 -8.02 12.36 -2.94
N LYS C 147 -9.28 12.09 -3.25
CA LYS C 147 -9.76 10.73 -3.50
C LYS C 147 -10.57 10.63 -4.78
N GLU C 148 -11.37 11.64 -5.11
CA GLU C 148 -12.31 11.57 -6.22
C GLU C 148 -12.79 12.97 -6.55
N GLY C 149 -13.23 13.15 -7.79
CA GLY C 149 -13.84 14.40 -8.23
C GLY C 149 -12.84 15.33 -8.90
N ILE C 150 -13.34 16.49 -9.28
N ILE C 150 -13.35 16.49 -9.29
CA ILE C 150 -12.51 17.50 -9.96
CA ILE C 150 -12.56 17.54 -9.93
C ILE C 150 -11.90 18.40 -8.89
C ILE C 150 -11.91 18.36 -8.82
N TYR C 151 -10.59 18.27 -8.71
CA TYR C 151 -9.87 18.99 -7.67
C TYR C 151 -9.84 20.49 -7.93
N PHE C 152 -10.22 21.26 -6.91
CA PHE C 152 -10.10 22.71 -6.96
C PHE C 152 -9.78 23.20 -5.56
N GLU C 153 -8.69 23.95 -5.43
CA GLU C 153 -8.23 24.46 -4.14
C GLU C 153 -8.21 25.98 -4.19
N PRO C 154 -9.13 26.67 -3.50
CA PRO C 154 -9.16 28.14 -3.58
C PRO C 154 -7.86 28.84 -3.24
N ASP C 155 -6.99 28.21 -2.45
CA ASP C 155 -5.73 28.81 -2.05
C ASP C 155 -4.59 28.47 -3.00
N CYS C 156 -4.89 27.84 -4.14
CA CYS C 156 -3.83 27.40 -5.02
C CYS C 156 -3.17 28.58 -5.73
N SER C 157 -1.87 28.44 -5.98
CA SER C 157 -1.08 29.43 -6.69
C SER C 157 -0.91 28.99 -8.14
N SER C 158 -1.00 29.96 -9.07
CA SER C 158 -0.72 29.69 -10.47
C SER C 158 0.73 29.99 -10.84
N GLU C 159 1.54 30.45 -9.88
CA GLU C 159 2.90 30.88 -10.16
C GLU C 159 3.95 30.19 -9.31
N ASP C 160 3.59 29.60 -8.17
CA ASP C 160 4.51 28.92 -7.27
C ASP C 160 4.15 27.44 -7.25
N MET C 161 4.77 26.67 -8.15
CA MET C 161 4.54 25.24 -8.23
C MET C 161 5.64 24.50 -7.49
N ASP C 162 5.31 23.29 -7.02
CA ASP C 162 6.23 22.51 -6.20
C ASP C 162 6.21 21.03 -6.52
N HIS C 163 5.49 20.59 -7.55
CA HIS C 163 5.27 19.17 -7.77
C HIS C 163 5.13 18.89 -9.25
N GLY C 164 5.92 17.95 -9.76
CA GLY C 164 5.86 17.56 -11.15
C GLY C 164 4.97 16.35 -11.33
N VAL C 165 4.06 16.44 -12.30
CA VAL C 165 3.11 15.37 -12.56
C VAL C 165 2.99 15.20 -14.07
N LEU C 166 2.06 14.35 -14.51
CA LEU C 166 1.93 14.04 -15.92
C LEU C 166 0.48 14.18 -16.35
N VAL C 167 0.23 15.09 -17.30
CA VAL C 167 -1.10 15.22 -17.89
C VAL C 167 -1.24 14.14 -18.95
N VAL C 168 -2.19 13.23 -18.77
CA VAL C 168 -2.40 12.15 -19.72
C VAL C 168 -3.70 12.31 -20.50
N GLY C 169 -4.46 13.36 -20.24
CA GLY C 169 -5.71 13.56 -20.94
C GLY C 169 -6.47 14.76 -20.39
N TYR C 170 -7.71 14.88 -20.84
CA TYR C 170 -8.61 15.92 -20.35
C TYR C 170 -10.02 15.52 -20.72
N GLY C 171 -10.99 16.13 -20.04
CA GLY C 171 -12.37 15.80 -20.29
C GLY C 171 -13.31 16.89 -19.82
N PHE C 172 -14.58 16.54 -19.80
CA PHE C 172 -15.65 17.49 -19.50
C PHE C 172 -16.61 16.84 -18.52
N GLU C 173 -17.33 17.68 -17.79
CA GLU C 173 -18.37 17.21 -16.89
C GLU C 173 -19.71 17.08 -17.63
N SER C 174 -20.06 18.07 -18.44
CA SER C 174 -21.29 18.08 -19.21
C SER C 174 -20.96 18.25 -20.68
N THR C 175 -21.80 17.66 -21.53
CA THR C 175 -21.59 17.74 -22.97
C THR C 175 -21.58 19.19 -23.43
N ASP C 178 -20.66 23.51 -20.29
CA ASP C 178 -19.26 23.10 -20.28
C ASP C 178 -18.54 23.65 -19.04
N ASN C 179 -19.14 23.42 -17.88
CA ASN C 179 -18.51 23.72 -16.61
C ASN C 179 -17.75 22.50 -16.11
N ASN C 180 -16.79 22.74 -15.21
CA ASN C 180 -16.08 21.67 -14.53
C ASN C 180 -15.41 20.73 -15.53
N LYS C 181 -14.72 21.32 -16.49
CA LYS C 181 -13.78 20.56 -17.29
C LYS C 181 -12.57 20.18 -16.44
N TYR C 182 -11.78 19.22 -16.92
CA TYR C 182 -10.70 18.73 -16.09
C TYR C 182 -9.55 18.19 -16.93
N TRP C 183 -8.37 18.23 -16.31
CA TRP C 183 -7.17 17.56 -16.80
C TRP C 183 -7.05 16.21 -16.10
N LEU C 184 -6.72 15.17 -16.86
CA LEU C 184 -6.47 13.85 -16.29
C LEU C 184 -4.98 13.72 -15.99
N VAL C 185 -4.64 13.58 -14.71
CA VAL C 185 -3.26 13.74 -14.27
C VAL C 185 -2.80 12.49 -13.53
N LYS C 186 -1.67 11.94 -13.95
CA LYS C 186 -1.03 10.82 -13.26
C LYS C 186 -0.03 11.37 -12.25
N ASN C 187 -0.17 10.96 -11.00
CA ASN C 187 0.72 11.32 -9.92
C ASN C 187 1.70 10.18 -9.67
N SER C 188 2.68 10.42 -8.80
CA SER C 188 3.68 9.43 -8.46
C SER C 188 3.69 9.16 -6.96
N TRP C 189 2.51 9.08 -6.36
CA TRP C 189 2.36 8.79 -4.95
C TRP C 189 1.72 7.43 -4.69
N GLY C 190 1.81 6.52 -5.66
CA GLY C 190 1.27 5.20 -5.53
C GLY C 190 -0.22 5.12 -5.87
N GLU C 191 -0.70 3.88 -5.94
CA GLU C 191 -2.07 3.60 -6.31
C GLU C 191 -3.06 3.96 -5.22
N GLU C 192 -2.60 4.05 -3.97
CA GLU C 192 -3.48 4.30 -2.84
C GLU C 192 -3.92 5.74 -2.76
N TRP C 193 -3.20 6.64 -3.41
CA TRP C 193 -3.57 8.04 -3.45
C TRP C 193 -4.55 8.29 -4.58
N GLY C 194 -5.53 9.14 -4.30
CA GLY C 194 -6.39 9.62 -5.37
C GLY C 194 -7.23 8.52 -5.96
N MET C 195 -7.44 8.61 -7.28
CA MET C 195 -8.28 7.69 -8.03
C MET C 195 -7.34 6.71 -8.72
N GLY C 196 -6.94 5.67 -7.98
CA GLY C 196 -5.94 4.77 -8.48
C GLY C 196 -4.62 5.44 -8.80
N GLY C 197 -4.31 6.53 -8.10
CA GLY C 197 -3.08 7.26 -8.36
C GLY C 197 -3.21 8.43 -9.31
N TYR C 198 -4.42 8.70 -9.80
CA TYR C 198 -4.73 9.75 -10.76
C TYR C 198 -5.57 10.83 -10.07
N VAL C 199 -5.58 12.01 -10.65
CA VAL C 199 -6.40 13.11 -10.15
C VAL C 199 -6.96 13.87 -11.33
N LYS C 200 -8.22 14.28 -11.21
CA LYS C 200 -8.84 15.19 -12.17
C LYS C 200 -8.65 16.61 -11.64
N MET C 201 -7.90 17.42 -12.37
N MET C 201 -7.88 17.41 -12.36
CA MET C 201 -7.60 18.78 -11.96
CA MET C 201 -7.58 18.78 -11.95
C MET C 201 -8.46 19.76 -12.74
C MET C 201 -8.47 19.76 -12.73
N ALA C 202 -8.96 20.78 -12.03
CA ALA C 202 -9.78 21.79 -12.68
C ALA C 202 -9.11 22.35 -13.92
N LYS C 203 -9.86 22.33 -15.03
CA LYS C 203 -9.38 22.79 -16.33
C LYS C 203 -10.16 24.03 -16.75
N ASP C 204 -9.42 25.02 -17.27
CA ASP C 204 -9.99 26.27 -17.78
C ASP C 204 -10.61 27.10 -16.66
N ARG C 205 -9.98 27.07 -15.49
CA ARG C 205 -10.34 27.91 -14.36
C ARG C 205 -9.12 28.74 -13.98
N ARG C 206 -8.72 29.64 -14.89
N ARG C 206 -8.71 29.62 -14.90
CA ARG C 206 -7.65 30.61 -14.64
CA ARG C 206 -7.65 30.60 -14.66
C ARG C 206 -6.33 29.92 -14.31
C ARG C 206 -6.34 29.92 -14.31
N ASN C 207 -5.99 28.91 -15.10
CA ASN C 207 -4.73 28.17 -14.94
C ASN C 207 -4.57 27.69 -13.50
N HIS C 208 -5.57 26.95 -13.04
CA HIS C 208 -5.63 26.53 -11.65
C HIS C 208 -4.40 25.72 -11.26
N CYS C 209 -3.77 26.13 -10.16
CA CYS C 209 -2.60 25.47 -9.57
C CYS C 209 -1.39 25.51 -10.50
N GLY C 210 -1.41 26.38 -11.51
CA GLY C 210 -0.28 26.59 -12.39
C GLY C 210 -0.02 25.48 -13.37
N ILE C 211 -1.06 24.71 -13.72
CA ILE C 211 -0.84 23.49 -14.49
C ILE C 211 -0.23 23.80 -15.85
N ALA C 212 -0.47 24.99 -16.38
CA ALA C 212 0.05 25.33 -17.71
C ALA C 212 1.28 26.21 -17.65
N SER C 213 1.77 26.56 -16.47
CA SER C 213 2.87 27.50 -16.36
C SER C 213 4.24 26.86 -16.55
N ALA C 214 4.33 25.53 -16.59
CA ALA C 214 5.62 24.86 -16.82
C ALA C 214 5.41 23.48 -17.42
N ALA C 215 4.81 23.44 -18.62
CA ALA C 215 4.53 22.20 -19.31
C ALA C 215 5.55 21.97 -20.40
N SER C 216 5.91 20.71 -20.62
CA SER C 216 6.92 20.39 -21.63
C SER C 216 6.89 18.90 -21.93
N TYR C 217 7.61 18.52 -22.98
CA TYR C 217 7.73 17.12 -23.37
C TYR C 217 9.03 16.91 -24.13
N PRO C 218 9.56 15.69 -24.11
CA PRO C 218 10.83 15.44 -24.82
C PRO C 218 10.61 15.20 -26.30
N THR C 219 11.63 15.55 -27.07
N THR C 219 11.64 15.53 -27.08
CA THR C 219 11.64 15.33 -28.51
CA THR C 219 11.64 15.33 -28.52
C THR C 219 12.29 13.98 -28.80
C THR C 219 12.30 13.99 -28.82
N VAL C 220 11.52 13.05 -29.36
CA VAL C 220 12.01 11.73 -29.68
C VAL C 220 11.86 11.50 -31.18
N ALA D 1 -15.30 -5.60 29.20
CA ALA D 1 -15.80 -4.43 28.42
C ALA D 1 -16.85 -4.90 27.42
N PRO D 2 -17.63 -3.97 26.88
CA PRO D 2 -18.51 -4.34 25.76
C PRO D 2 -17.70 -4.78 24.55
N ARG D 3 -18.33 -5.54 23.66
CA ARG D 3 -17.60 -5.99 22.48
C ARG D 3 -17.35 -4.85 21.50
N SER D 4 -18.16 -3.81 21.55
N SER D 4 -18.17 -3.81 21.54
CA SER D 4 -17.95 -2.62 20.74
CA SER D 4 -18.00 -2.62 20.71
C SER D 4 -18.50 -1.42 21.49
C SER D 4 -18.50 -1.42 21.50
N VAL D 5 -17.91 -0.26 21.22
CA VAL D 5 -18.26 1.00 21.85
C VAL D 5 -18.19 2.08 20.78
N ASP D 6 -19.16 2.99 20.77
CA ASP D 6 -19.10 4.17 19.90
C ASP D 6 -19.77 5.33 20.63
N TRP D 7 -18.96 6.22 21.19
CA TRP D 7 -19.48 7.29 22.04
C TRP D 7 -20.18 8.38 21.24
N ARG D 8 -20.00 8.38 19.92
CA ARG D 8 -20.73 9.32 19.09
C ARG D 8 -22.22 9.08 19.20
N GLU D 9 -22.61 7.82 19.34
CA GLU D 9 -24.02 7.46 19.40
C GLU D 9 -24.66 7.84 20.72
N LYS D 10 -23.85 8.14 21.75
CA LYS D 10 -24.34 8.55 23.06
C LYS D 10 -24.29 10.06 23.26
N GLY D 11 -23.85 10.81 22.27
CA GLY D 11 -23.88 12.26 22.35
C GLY D 11 -22.65 12.89 22.92
N TYR D 12 -21.54 12.15 22.99
CA TYR D 12 -20.34 12.62 23.65
C TYR D 12 -19.38 13.36 22.73
N VAL D 13 -19.58 13.36 21.42
CA VAL D 13 -18.53 13.72 20.48
C VAL D 13 -19.02 14.82 19.54
N THR D 14 -18.26 15.90 19.44
CA THR D 14 -18.56 16.98 18.51
C THR D 14 -18.15 16.58 17.10
N PRO D 15 -18.57 17.33 16.08
CA PRO D 15 -18.13 17.04 14.72
C PRO D 15 -16.62 17.17 14.57
N VAL D 16 -16.13 16.60 13.47
CA VAL D 16 -14.71 16.66 13.16
C VAL D 16 -14.30 18.10 12.87
N LYS D 17 -13.16 18.48 13.39
CA LYS D 17 -12.59 19.81 13.21
C LYS D 17 -11.33 19.69 12.37
N ASN D 18 -10.70 20.83 12.08
CA ASN D 18 -9.52 20.84 11.24
C ASN D 18 -8.49 21.77 11.87
N GLN D 19 -7.36 21.20 12.29
CA GLN D 19 -6.31 22.00 12.90
C GLN D 19 -5.55 22.86 11.90
N GLY D 20 -5.76 22.68 10.60
CA GLY D 20 -5.00 23.49 9.67
C GLY D 20 -3.53 23.08 9.67
N GLN D 21 -2.71 24.02 9.21
N GLN D 21 -2.67 24.01 9.26
CA GLN D 21 -1.25 23.89 9.18
CA GLN D 21 -1.24 23.68 9.17
C GLN D 21 -0.65 24.50 10.44
C GLN D 21 -0.49 23.93 10.47
N CYS D 22 -1.06 23.94 11.57
N CYS D 22 -1.21 24.07 11.58
CA CYS D 22 -0.59 24.32 12.89
CA CYS D 22 -0.63 24.32 12.90
C CYS D 22 -0.43 23.02 13.66
C CYS D 22 -0.42 23.01 13.63
N GLY D 23 0.67 22.92 14.41
CA GLY D 23 0.95 21.73 15.20
C GLY D 23 0.19 21.69 16.51
N SER D 24 -1.13 21.74 16.42
CA SER D 24 -2.00 21.87 17.55
C SER D 24 -2.87 20.64 17.79
N CSO D 25 -2.47 19.49 17.23
N CSO D 25 -2.46 19.49 17.23
CA CSO D 25 -3.27 18.28 17.35
CA CSO D 25 -3.25 18.27 17.36
CB CSO D 25 -2.56 17.11 16.65
CB CSO D 25 -2.53 17.08 16.72
SG CSO D 25 -0.86 16.94 17.28
SG CSO D 25 -0.92 16.80 17.48
C CSO D 25 -3.56 17.95 18.82
C CSO D 25 -3.56 17.97 18.83
O CSO D 25 -4.65 17.47 19.16
O CSO D 25 -4.66 17.52 19.17
OD CSO D 25 0.35 17.59 16.14
HA CSO D 25 -4.14 18.40 16.92
HA CSO D 25 -4.10 18.40 16.89
HB2 CSO D 25 -2.52 17.27 15.70
HB2 CSO D 25 -2.40 17.26 15.77
HB3 CSO D 25 -3.04 16.28 16.84
HB3 CSO D 25 -3.06 16.28 16.83
HD CSO D 25 0.66 18.46 16.44
N TRP D 26 -2.59 18.23 19.69
CA TRP D 26 -2.73 18.00 21.13
C TRP D 26 -3.90 18.78 21.73
N ALA D 27 -4.18 19.96 21.18
CA ALA D 27 -5.29 20.76 21.67
C ALA D 27 -6.64 20.20 21.23
N PHE D 28 -6.71 19.66 20.01
CA PHE D 28 -7.94 19.03 19.53
C PHE D 28 -8.20 17.72 20.26
N SER D 29 -7.14 16.96 20.54
CA SER D 29 -7.30 15.76 21.35
C SER D 29 -7.81 16.12 22.73
N ALA D 30 -7.26 17.18 23.33
CA ALA D 30 -7.66 17.53 24.69
C ALA D 30 -9.09 18.05 24.73
N THR D 31 -9.48 18.92 23.79
CA THR D 31 -10.85 19.41 23.82
C THR D 31 -11.83 18.25 23.59
N GLY D 32 -11.47 17.31 22.73
CA GLY D 32 -12.35 16.17 22.50
C GLY D 32 -12.60 15.38 23.77
N ALA D 33 -11.54 15.11 24.54
CA ALA D 33 -11.71 14.36 25.76
C ALA D 33 -12.48 15.16 26.80
N LEU D 34 -12.21 16.46 26.88
CA LEU D 34 -12.94 17.29 27.85
C LEU D 34 -14.40 17.48 27.43
N GLU D 35 -14.65 17.58 26.13
CA GLU D 35 -16.04 17.65 25.65
C GLU D 35 -16.82 16.43 26.09
N GLY D 36 -16.23 15.24 25.96
CA GLY D 36 -16.90 14.04 26.39
C GLY D 36 -17.16 14.00 27.89
N GLN D 37 -16.16 14.39 28.68
CA GLN D 37 -16.32 14.35 30.14
C GLN D 37 -17.31 15.41 30.61
N MET D 38 -17.32 16.58 29.97
CA MET D 38 -18.32 17.57 30.38
C MET D 38 -19.72 17.08 30.06
N PHE D 39 -19.87 16.38 28.94
CA PHE D 39 -21.18 15.83 28.61
C PHE D 39 -21.61 14.78 29.64
N ARG D 40 -20.68 13.91 30.04
CA ARG D 40 -21.00 12.93 31.07
C ARG D 40 -21.45 13.63 32.34
N LYS D 41 -20.86 14.78 32.64
CA LYS D 41 -21.21 15.46 33.88
C LYS D 41 -22.52 16.21 33.76
N THR D 42 -22.78 16.89 32.65
CA THR D 42 -23.90 17.83 32.57
C THR D 42 -25.00 17.41 31.62
N GLY D 43 -24.73 16.54 30.66
CA GLY D 43 -25.72 16.20 29.66
C GLY D 43 -25.78 17.16 28.49
N ARG D 44 -24.89 18.13 28.43
CA ARG D 44 -24.84 19.10 27.35
C ARG D 44 -23.49 18.98 26.66
N LEU D 45 -23.53 18.80 25.35
CA LEU D 45 -22.32 18.78 24.53
C LEU D 45 -22.05 20.19 24.03
N ILE D 46 -20.89 20.73 24.37
CA ILE D 46 -20.52 22.09 23.99
C ILE D 46 -19.11 22.04 23.43
N SER D 47 -18.96 22.44 22.18
CA SER D 47 -17.64 22.45 21.57
C SER D 47 -16.73 23.44 22.29
N LEU D 48 -15.49 23.01 22.53
CA LEU D 48 -14.53 23.77 23.33
C LEU D 48 -13.45 24.38 22.45
N SER D 49 -12.78 25.40 22.98
CA SER D 49 -11.87 26.22 22.19
C SER D 49 -10.45 25.66 22.20
N GLU D 50 -10.01 25.13 21.05
CA GLU D 50 -8.60 24.79 20.90
C GLU D 50 -7.72 26.03 20.92
N GLN D 51 -8.20 27.14 20.37
CA GLN D 51 -7.42 28.38 20.36
C GLN D 51 -7.07 28.80 21.78
N ASN D 52 -8.02 28.69 22.70
CA ASN D 52 -7.79 28.96 24.11
C ASN D 52 -6.60 28.18 24.63
N LEU D 53 -6.51 26.90 24.26
CA LEU D 53 -5.38 26.08 24.70
C LEU D 53 -4.10 26.48 24.01
N VAL D 54 -4.15 26.71 22.69
CA VAL D 54 -2.95 27.10 21.94
C VAL D 54 -2.39 28.41 22.51
N ASP D 55 -3.27 29.38 22.79
CA ASP D 55 -2.83 30.71 23.19
C ASP D 55 -2.37 30.78 24.64
N CYS D 56 -2.91 29.92 25.51
CA CYS D 56 -2.90 30.17 26.93
C CYS D 56 -2.18 29.12 27.78
N SER D 57 -1.91 27.91 27.25
CA SER D 57 -1.41 26.83 28.09
C SER D 57 0.11 26.65 28.01
N GLY D 58 0.83 27.68 27.53
CA GLY D 58 2.28 27.68 27.64
C GLY D 58 2.83 27.46 29.04
N PRO D 59 2.26 28.09 30.07
CA PRO D 59 2.84 27.92 31.41
C PRO D 59 2.81 26.48 31.89
N GLN D 60 1.93 25.65 31.35
CA GLN D 60 1.88 24.23 31.70
C GLN D 60 2.80 23.38 30.85
N GLY D 61 3.48 23.96 29.87
CA GLY D 61 4.46 23.26 29.07
C GLY D 61 4.16 23.19 27.59
N ASN D 62 2.99 23.66 27.14
CA ASN D 62 2.67 23.57 25.73
C ASN D 62 3.35 24.70 24.95
N GLU D 63 3.51 24.47 23.65
CA GLU D 63 4.26 25.36 22.78
C GLU D 63 3.44 25.74 21.56
N GLY D 64 2.13 25.90 21.75
CA GLY D 64 1.31 26.47 20.70
C GLY D 64 1.33 25.60 19.46
N CYS D 65 1.57 26.23 18.31
CA CYS D 65 1.64 25.50 17.06
C CYS D 65 2.90 24.66 16.93
N ASN D 66 3.86 24.79 17.85
CA ASN D 66 5.08 23.99 17.79
C ASN D 66 4.95 22.66 18.51
N GLY D 67 3.83 22.42 19.19
CA GLY D 67 3.58 21.14 19.83
C GLY D 67 3.11 21.31 21.26
N GLY D 68 2.74 20.17 21.85
CA GLY D 68 2.16 20.19 23.17
C GLY D 68 1.74 18.80 23.58
N LEU D 69 1.12 18.73 24.75
CA LEU D 69 0.64 17.46 25.28
C LEU D 69 -0.74 17.65 25.88
N MET D 70 -1.59 16.65 25.68
CA MET D 70 -2.93 16.74 26.21
C MET D 70 -2.93 16.88 27.73
N ASP D 71 -2.03 16.15 28.42
CA ASP D 71 -2.00 16.29 29.88
C ASP D 71 -1.70 17.72 30.28
N TYR D 72 -0.81 18.41 29.55
CA TYR D 72 -0.53 19.81 29.87
C TYR D 72 -1.77 20.66 29.66
N ALA D 73 -2.57 20.34 28.64
CA ALA D 73 -3.83 21.07 28.43
C ALA D 73 -4.81 20.85 29.57
N PHE D 74 -4.94 19.60 30.05
CA PHE D 74 -5.83 19.33 31.16
C PHE D 74 -5.36 20.05 32.41
N GLN D 75 -4.04 20.15 32.59
CA GLN D 75 -3.49 20.90 33.71
C GLN D 75 -3.81 22.38 33.60
N TYR D 76 -3.76 22.93 32.40
CA TYR D 76 -4.13 24.32 32.21
C TYR D 76 -5.57 24.56 32.65
N VAL D 77 -6.49 23.72 32.18
CA VAL D 77 -7.89 23.93 32.54
C VAL D 77 -8.06 23.89 34.06
N GLN D 78 -7.37 22.98 34.73
CA GLN D 78 -7.47 22.92 36.19
C GLN D 78 -6.89 24.18 36.84
N ASP D 79 -5.67 24.56 36.44
CA ASP D 79 -5.03 25.76 36.98
C ASP D 79 -5.86 27.01 36.69
N ASN D 80 -6.39 27.09 35.48
CA ASN D 80 -7.07 28.28 35.00
C ASN D 80 -8.49 28.38 35.52
N GLY D 81 -9.08 27.27 35.94
CA GLY D 81 -10.45 27.29 36.40
C GLY D 81 -11.49 27.29 35.30
N GLY D 82 -11.11 26.97 34.08
CA GLY D 82 -12.08 27.01 32.99
C GLY D 82 -11.44 26.95 31.63
N LEU D 83 -12.32 26.85 30.63
CA LEU D 83 -11.95 26.81 29.21
C LEU D 83 -13.14 27.35 28.45
N ASP D 84 -12.89 28.29 27.53
CA ASP D 84 -13.99 28.93 26.81
C ASP D 84 -14.54 28.03 25.72
N SER D 85 -15.77 28.33 25.33
CA SER D 85 -16.40 27.58 24.25
C SER D 85 -15.74 27.89 22.91
N GLU D 86 -15.86 26.92 21.99
CA GLU D 86 -15.40 27.16 20.63
C GLU D 86 -16.06 28.39 20.03
N GLU D 87 -17.37 28.55 20.25
CA GLU D 87 -18.08 29.67 19.64
C GLU D 87 -17.57 31.01 20.17
N SER D 88 -17.19 31.07 21.44
CA SER D 88 -16.74 32.34 22.02
C SER D 88 -15.28 32.64 21.69
N TYR D 89 -14.49 31.63 21.39
CA TYR D 89 -13.03 31.76 21.25
C TYR D 89 -12.62 30.90 20.07
N PRO D 90 -12.90 31.36 18.86
CA PRO D 90 -12.80 30.49 17.68
C PRO D 90 -11.35 30.22 17.30
N TYR D 91 -11.20 29.22 16.42
CA TYR D 91 -9.88 28.70 16.07
C TYR D 91 -9.30 29.46 14.89
N GLU D 92 -8.03 29.84 15.00
CA GLU D 92 -7.36 30.64 13.97
C GLU D 92 -6.14 29.97 13.36
N ALA D 93 -5.74 28.79 13.84
CA ALA D 93 -4.64 28.02 13.27
C ALA D 93 -3.32 28.78 13.31
N THR D 94 -3.16 29.63 14.32
CA THR D 94 -1.91 30.34 14.54
C THR D 94 -1.91 30.81 15.98
N GLU D 95 -0.72 31.03 16.53
N GLU D 95 -0.72 31.04 16.52
CA GLU D 95 -0.59 31.39 17.93
CA GLU D 95 -0.55 31.43 17.91
C GLU D 95 -0.83 32.89 18.13
C GLU D 95 -0.86 32.92 18.10
N GLU D 96 -1.59 33.22 19.16
CA GLU D 96 -1.90 34.61 19.52
C GLU D 96 -1.91 34.72 21.03
N SER D 97 -2.03 35.95 21.52
CA SER D 97 -2.00 36.14 22.96
C SER D 97 -3.29 35.61 23.59
N CYS D 98 -3.21 35.29 24.88
N CYS D 98 -3.19 35.30 24.88
CA CYS D 98 -4.32 34.69 25.58
CA CYS D 98 -4.33 34.78 25.63
C CYS D 98 -5.47 35.68 25.78
C CYS D 98 -5.47 35.80 25.64
N LYS D 99 -6.69 35.27 25.40
N LYS D 99 -6.69 35.30 25.44
CA LYS D 99 -7.87 36.11 25.54
CA LYS D 99 -7.89 36.11 25.52
C LYS D 99 -8.97 35.38 26.33
C LYS D 99 -8.98 35.38 26.32
N TYR D 100 -8.57 34.47 27.19
CA TYR D 100 -9.52 33.74 28.02
C TYR D 100 -10.41 34.70 28.80
N ASN D 101 -11.70 34.36 28.86
CA ASN D 101 -12.70 35.12 29.63
C ASN D 101 -13.50 34.12 30.45
N PRO D 102 -13.44 34.16 31.78
CA PRO D 102 -14.15 33.13 32.56
C PRO D 102 -15.67 33.21 32.40
N LYS D 103 -16.20 34.34 31.93
N LYS D 103 -16.21 34.34 31.94
CA LYS D 103 -17.64 34.44 31.71
CA LYS D 103 -17.65 34.42 31.71
C LYS D 103 -18.11 33.47 30.62
C LYS D 103 -18.10 33.43 30.64
N TYR D 104 -17.25 33.16 29.66
CA TYR D 104 -17.58 32.25 28.57
C TYR D 104 -17.01 30.85 28.77
N SER D 105 -16.59 30.53 29.98
CA SER D 105 -16.13 29.18 30.27
C SER D 105 -17.32 28.23 30.32
N VAL D 106 -17.15 27.05 29.74
CA VAL D 106 -18.19 26.04 29.74
C VAL D 106 -17.61 24.72 30.22
N ALA D 107 -16.36 24.74 30.72
CA ALA D 107 -15.76 23.50 31.19
C ALA D 107 -14.75 23.75 32.29
N ASN D 108 -14.42 22.68 33.01
N ASN D 108 -14.46 22.70 33.06
CA ASN D 108 -13.33 22.72 33.98
CA ASN D 108 -13.43 22.71 34.09
C ASN D 108 -13.00 21.28 34.34
C ASN D 108 -12.96 21.28 34.26
N ASP D 109 -11.83 21.10 34.96
CA ASP D 109 -11.41 19.76 35.36
C ASP D 109 -10.57 19.87 36.62
N ALA D 110 -10.40 18.72 37.28
CA ALA D 110 -9.71 18.63 38.55
C ALA D 110 -8.43 17.81 38.40
N GLY D 111 -7.84 17.84 37.20
CA GLY D 111 -6.65 17.08 36.91
C GLY D 111 -6.91 16.05 35.84
N PHE D 112 -6.11 15.00 35.82
CA PHE D 112 -6.22 14.01 34.76
C PHE D 112 -5.72 12.67 35.28
N VAL D 113 -6.06 11.63 34.52
CA VAL D 113 -5.66 10.27 34.81
C VAL D 113 -4.87 9.76 33.62
N ASP D 114 -3.67 9.25 33.88
CA ASP D 114 -2.87 8.57 32.87
C ASP D 114 -3.19 7.09 32.90
N ILE D 115 -3.50 6.52 31.74
CA ILE D 115 -3.88 5.11 31.67
C ILE D 115 -2.62 4.27 31.55
N PRO D 116 -2.53 3.12 32.22
CA PRO D 116 -1.37 2.24 32.03
C PRO D 116 -1.14 1.94 30.56
N LYS D 117 0.12 1.72 30.19
CA LYS D 117 0.50 1.68 28.79
C LYS D 117 0.28 0.30 28.19
N GLN D 118 -0.99 -0.10 28.16
CA GLN D 118 -1.33 -1.32 27.43
C GLN D 118 -2.80 -1.27 27.04
N GLU D 119 -3.14 -2.06 26.02
CA GLU D 119 -4.42 -1.88 25.34
C GLU D 119 -5.60 -2.44 26.12
N LYS D 120 -5.37 -3.40 27.02
CA LYS D 120 -6.47 -3.86 27.85
C LYS D 120 -6.94 -2.74 28.78
N ALA D 121 -6.00 -1.97 29.31
CA ALA D 121 -6.34 -0.82 30.15
C ALA D 121 -6.99 0.29 29.33
N LEU D 122 -6.50 0.53 28.11
CA LEU D 122 -7.12 1.54 27.27
C LEU D 122 -8.55 1.15 26.96
N MET D 123 -8.80 -0.13 26.66
CA MET D 123 -10.16 -0.55 26.36
C MET D 123 -11.07 -0.32 27.56
N LYS D 124 -10.61 -0.70 28.76
CA LYS D 124 -11.40 -0.49 29.96
C LYS D 124 -11.74 0.98 30.13
N ALA D 125 -10.78 1.86 29.87
CA ALA D 125 -11.03 3.29 30.03
C ALA D 125 -12.02 3.78 28.99
N VAL D 126 -11.86 3.36 27.74
CA VAL D 126 -12.80 3.81 26.72
C VAL D 126 -14.20 3.32 27.04
N ALA D 127 -14.31 2.09 27.56
CA ALA D 127 -15.63 1.52 27.83
C ALA D 127 -16.32 2.20 29.00
N THR D 128 -15.57 2.66 30.00
CA THR D 128 -16.15 3.09 31.26
C THR D 128 -16.09 4.59 31.49
N VAL D 129 -15.25 5.30 30.77
CA VAL D 129 -15.03 6.73 30.99
C VAL D 129 -15.69 7.56 29.90
N GLY D 130 -15.38 7.26 28.65
CA GLY D 130 -15.74 8.11 27.54
C GLY D 130 -14.57 8.18 26.58
N PRO D 131 -14.63 9.10 25.62
CA PRO D 131 -13.51 9.29 24.69
C PRO D 131 -12.22 9.61 25.43
N ILE D 132 -11.12 9.09 24.90
CA ILE D 132 -9.82 9.11 25.56
C ILE D 132 -8.80 9.79 24.65
N SER D 133 -8.02 10.71 25.22
CA SER D 133 -6.92 11.33 24.49
C SER D 133 -5.77 10.34 24.35
N VAL D 134 -5.23 10.22 23.13
CA VAL D 134 -4.09 9.35 22.87
C VAL D 134 -3.16 10.03 21.88
N ALA D 135 -1.90 9.59 21.90
CA ALA D 135 -0.92 9.99 20.90
C ALA D 135 -0.57 8.78 20.04
N ILE D 136 -0.41 9.00 18.73
CA ILE D 136 -0.05 7.91 17.83
C ILE D 136 1.12 8.33 16.95
N ASP D 137 1.78 7.32 16.38
CA ASP D 137 2.76 7.52 15.31
C ASP D 137 1.96 7.64 14.02
N ALA D 138 1.78 8.87 13.54
CA ALA D 138 1.06 9.12 12.29
C ALA D 138 1.98 9.50 11.15
N GLY D 139 3.30 9.39 11.34
CA GLY D 139 4.28 9.91 10.41
C GLY D 139 4.57 9.00 9.23
N HIS D 140 3.51 8.60 8.53
CA HIS D 140 3.67 7.77 7.35
C HIS D 140 2.67 8.21 6.29
N GLU D 141 3.10 8.10 5.03
CA GLU D 141 2.22 8.43 3.92
C GLU D 141 0.95 7.57 3.94
N SER D 142 1.05 6.33 4.42
CA SER D 142 -0.14 5.49 4.49
C SER D 142 -1.22 6.10 5.38
N PHE D 143 -0.82 6.85 6.41
CA PHE D 143 -1.79 7.51 7.27
C PHE D 143 -2.40 8.72 6.58
N LEU D 144 -1.57 9.51 5.89
CA LEU D 144 -2.09 10.64 5.13
C LEU D 144 -3.15 10.20 4.14
N PHE D 145 -2.93 9.06 3.47
CA PHE D 145 -3.79 8.64 2.38
C PHE D 145 -4.87 7.65 2.82
N TYR D 146 -4.98 7.38 4.11
CA TYR D 146 -5.97 6.43 4.60
C TYR D 146 -7.38 6.74 4.09
N LYS D 147 -8.08 5.71 3.64
CA LYS D 147 -9.45 5.84 3.13
C LYS D 147 -10.46 5.07 3.95
N GLU D 148 -10.21 3.80 4.21
N GLU D 148 -10.21 3.80 4.23
CA GLU D 148 -11.17 2.92 4.86
CA GLU D 148 -11.17 2.93 4.89
C GLU D 148 -10.40 1.74 5.45
C GLU D 148 -10.43 1.71 5.41
N GLY D 149 -11.12 0.94 6.24
CA GLY D 149 -10.56 -0.30 6.74
C GLY D 149 -9.76 -0.04 8.00
N ILE D 150 -9.11 -1.09 8.47
CA ILE D 150 -8.37 -1.03 9.72
C ILE D 150 -6.91 -0.71 9.37
N TYR D 151 -6.48 0.45 9.84
CA TYR D 151 -5.13 0.93 9.54
C TYR D 151 -4.09 0.08 10.25
N PHE D 152 -3.16 -0.45 9.47
CA PHE D 152 -2.03 -1.20 10.02
C PHE D 152 -0.82 -0.84 9.18
N GLU D 153 0.19 -0.27 9.81
CA GLU D 153 1.39 0.20 9.11
C GLU D 153 2.60 -0.55 9.63
N PRO D 154 3.26 -1.36 8.81
CA PRO D 154 4.42 -2.11 9.30
C PRO D 154 5.48 -1.29 10.00
N ASP D 155 5.72 -0.05 9.58
CA ASP D 155 6.79 0.74 10.14
C ASP D 155 6.34 1.62 11.30
N CYS D 156 5.13 1.40 11.82
CA CYS D 156 4.64 2.17 12.94
C CYS D 156 5.43 1.87 14.20
N SER D 157 5.72 2.93 14.97
CA SER D 157 6.43 2.83 16.23
C SER D 157 5.44 2.88 17.40
N SER D 158 5.74 2.12 18.44
N SER D 158 5.74 2.12 18.45
CA SER D 158 4.98 2.19 19.69
CA SER D 158 4.96 2.22 19.68
C SER D 158 5.62 3.13 20.70
C SER D 158 5.63 3.13 20.70
N GLU D 159 6.78 3.71 20.36
CA GLU D 159 7.51 4.59 21.25
C GLU D 159 7.63 6.03 20.75
N ASP D 160 7.64 6.25 19.45
CA ASP D 160 7.88 7.58 18.87
C ASP D 160 6.58 8.07 18.24
N MET D 161 5.69 8.58 19.09
CA MET D 161 4.43 9.15 18.63
C MET D 161 4.62 10.62 18.31
N ASP D 162 3.84 11.12 17.37
CA ASP D 162 3.97 12.49 16.89
C ASP D 162 2.64 13.20 16.69
N HIS D 163 1.53 12.62 17.12
CA HIS D 163 0.22 13.14 16.74
C HIS D 163 -0.83 12.76 17.78
N GLY D 164 -1.54 13.75 18.31
CA GLY D 164 -2.57 13.51 19.29
C GLY D 164 -3.93 13.40 18.61
N VAL D 165 -4.69 12.39 19.02
CA VAL D 165 -6.01 12.10 18.48
C VAL D 165 -6.91 11.65 19.63
N LEU D 166 -8.12 11.19 19.29
CA LEU D 166 -9.14 10.90 20.29
C LEU D 166 -9.76 9.54 19.98
N VAL D 167 -9.65 8.60 20.92
CA VAL D 167 -10.32 7.31 20.77
C VAL D 167 -11.76 7.48 21.25
N VAL D 168 -12.71 7.29 20.33
CA VAL D 168 -14.13 7.42 20.63
C VAL D 168 -14.84 6.08 20.70
N GLY D 169 -14.14 4.98 20.50
CA GLY D 169 -14.76 3.68 20.59
C GLY D 169 -13.83 2.61 20.08
N TYR D 170 -14.40 1.43 19.86
CA TYR D 170 -13.66 0.30 19.34
C TYR D 170 -14.68 -0.73 18.87
N GLY D 171 -14.21 -1.68 18.10
CA GLY D 171 -15.09 -2.73 17.64
C GLY D 171 -14.33 -3.73 16.81
N PHE D 172 -15.06 -4.45 15.98
CA PHE D 172 -14.43 -5.40 15.09
C PHE D 172 -15.14 -5.43 13.75
N GLU D 173 -14.41 -5.88 12.74
CA GLU D 173 -14.92 -6.14 11.41
C GLU D 173 -14.95 -7.64 11.16
N SER D 174 -15.81 -8.04 10.21
CA SER D 174 -16.00 -9.43 9.83
C SER D 174 -16.37 -10.31 11.03
N THR D 175 -16.15 -11.61 10.91
CA THR D 175 -16.53 -12.54 11.97
C THR D 175 -15.72 -12.27 13.23
N GLU D 176 -16.40 -12.26 14.37
N GLU D 176 -16.39 -12.28 14.38
CA GLU D 176 -15.75 -11.99 15.64
CA GLU D 176 -15.68 -11.94 15.62
C GLU D 176 -14.50 -12.84 15.82
C GLU D 176 -14.46 -12.83 15.81
N SER D 177 -14.58 -14.12 15.49
CA SER D 177 -13.47 -15.05 15.69
C SER D 177 -12.24 -14.71 14.86
N ASP D 178 -12.36 -13.84 13.85
CA ASP D 178 -11.19 -13.44 13.07
C ASP D 178 -10.29 -12.48 13.82
N ASN D 179 -10.76 -11.89 14.93
CA ASN D 179 -9.97 -10.93 15.71
C ASN D 179 -9.54 -9.75 14.86
N ASN D 180 -10.44 -9.31 13.99
CA ASN D 180 -10.21 -8.15 13.13
C ASN D 180 -10.71 -6.90 13.86
N LYS D 181 -9.91 -6.45 14.83
CA LYS D 181 -10.35 -5.47 15.81
C LYS D 181 -9.72 -4.11 15.55
N TYR D 182 -10.44 -3.06 15.98
CA TYR D 182 -9.98 -1.71 15.72
C TYR D 182 -10.39 -0.77 16.84
N TRP D 183 -9.57 0.28 17.00
CA TRP D 183 -9.92 1.49 17.74
C TRP D 183 -10.58 2.45 16.78
N LEU D 184 -11.68 3.06 17.20
CA LEU D 184 -12.31 4.12 16.43
C LEU D 184 -11.74 5.47 16.87
N VAL D 185 -11.09 6.16 15.95
CA VAL D 185 -10.26 7.31 16.28
C VAL D 185 -10.73 8.52 15.49
N LYS D 186 -10.98 9.61 16.22
CA LYS D 186 -11.34 10.90 15.65
C LYS D 186 -10.06 11.68 15.42
N ASN D 187 -9.83 12.13 14.19
CA ASN D 187 -8.69 12.98 13.87
C ASN D 187 -9.14 14.43 13.76
N SER D 188 -8.17 15.32 13.58
CA SER D 188 -8.44 16.74 13.45
C SER D 188 -7.88 17.30 12.15
N TRP D 189 -8.03 16.55 11.05
CA TRP D 189 -7.60 16.98 9.74
C TRP D 189 -8.79 17.24 8.80
N GLY D 190 -9.97 17.51 9.36
CA GLY D 190 -11.14 17.78 8.55
C GLY D 190 -11.83 16.51 8.13
N GLU D 191 -13.03 16.65 7.58
CA GLU D 191 -13.80 15.46 7.27
C GLU D 191 -13.42 14.86 5.92
N GLU D 192 -12.63 15.56 5.11
N GLU D 192 -12.63 15.57 5.11
CA GLU D 192 -12.17 15.02 3.84
CA GLU D 192 -12.17 15.02 3.84
C GLU D 192 -11.04 14.02 3.99
C GLU D 192 -11.11 13.94 4.04
N TRP D 193 -10.39 13.99 5.15
CA TRP D 193 -9.37 13.00 5.43
C TRP D 193 -10.05 11.74 5.92
N GLY D 194 -9.52 10.58 5.52
CA GLY D 194 -9.97 9.33 6.10
C GLY D 194 -11.44 9.05 5.86
N MET D 195 -12.08 8.47 6.87
N MET D 195 -12.08 8.44 6.86
CA MET D 195 -13.50 8.10 6.82
CA MET D 195 -13.50 8.09 6.81
C MET D 195 -14.29 9.19 7.53
C MET D 195 -14.28 9.19 7.53
N GLY D 196 -14.60 10.25 6.79
CA GLY D 196 -15.29 11.37 7.38
C GLY D 196 -14.48 12.00 8.51
N GLY D 197 -13.16 11.88 8.45
CA GLY D 197 -12.30 12.43 9.48
C GLY D 197 -11.91 11.45 10.56
N TYR D 198 -12.41 10.22 10.49
CA TYR D 198 -12.15 9.15 11.42
C TYR D 198 -11.24 8.10 10.79
N VAL D 199 -10.62 7.30 11.64
CA VAL D 199 -9.79 6.19 11.20
C VAL D 199 -10.01 5.03 12.16
N LYS D 200 -10.07 3.83 11.61
CA LYS D 200 -10.06 2.60 12.40
C LYS D 200 -8.61 2.15 12.51
N MET D 201 -8.09 2.09 13.73
N MET D 201 -8.08 2.13 13.74
CA MET D 201 -6.69 1.75 13.93
CA MET D 201 -6.69 1.77 14.00
C MET D 201 -6.53 0.37 14.57
C MET D 201 -6.57 0.36 14.53
N ALA D 202 -5.53 -0.36 14.08
CA ALA D 202 -5.28 -1.71 14.56
C ALA D 202 -5.32 -1.81 16.08
N LYS D 203 -6.08 -2.79 16.56
CA LYS D 203 -6.29 -3.02 17.98
C LYS D 203 -5.79 -4.41 18.37
N ASP D 204 -5.14 -4.46 19.55
CA ASP D 204 -4.67 -5.69 20.17
C ASP D 204 -3.60 -6.36 19.30
N ARG D 205 -2.75 -5.52 18.70
CA ARG D 205 -1.52 -5.96 18.06
C ARG D 205 -0.31 -5.35 18.79
N ARG D 206 -0.31 -5.47 20.11
CA ARG D 206 0.80 -5.02 20.96
C ARG D 206 1.08 -3.53 20.76
N ASN D 207 0.04 -2.73 20.92
CA ASN D 207 0.17 -1.28 20.99
C ASN D 207 0.65 -0.71 19.66
N HIS D 208 -0.05 -1.08 18.59
CA HIS D 208 0.28 -0.60 17.25
C HIS D 208 0.20 0.91 17.19
N CYS D 209 1.27 1.52 16.66
CA CYS D 209 1.44 2.96 16.52
C CYS D 209 1.41 3.69 17.85
N GLY D 210 1.56 2.97 18.96
CA GLY D 210 1.71 3.61 20.25
C GLY D 210 0.44 4.12 20.85
N ILE D 211 -0.71 3.62 20.39
CA ILE D 211 -2.00 4.21 20.77
C ILE D 211 -2.24 4.12 22.28
N ALA D 212 -1.65 3.15 22.96
CA ALA D 212 -1.79 3.03 24.40
C ALA D 212 -0.63 3.63 25.19
N SER D 213 0.34 4.26 24.51
CA SER D 213 1.57 4.70 25.18
C SER D 213 1.42 6.02 25.91
N ALA D 214 0.46 6.86 25.53
CA ALA D 214 0.29 8.17 26.14
C ALA D 214 -1.19 8.52 26.15
N ALA D 215 -1.98 7.66 26.79
CA ALA D 215 -3.43 7.79 26.86
C ALA D 215 -3.84 8.41 28.20
N SER D 216 -4.79 9.33 28.15
CA SER D 216 -5.24 9.99 29.37
C SER D 216 -6.60 10.62 29.16
N TYR D 217 -7.20 11.04 30.27
CA TYR D 217 -8.45 11.77 30.21
C TYR D 217 -8.54 12.72 31.40
N PRO D 218 -9.32 13.78 31.28
CA PRO D 218 -9.48 14.73 32.39
C PRO D 218 -10.49 14.21 33.39
N THR D 219 -10.27 14.58 34.65
CA THR D 219 -11.22 14.30 35.71
C THR D 219 -12.08 15.54 35.89
N VAL D 220 -13.38 15.40 35.73
CA VAL D 220 -14.28 16.55 35.87
C VAL D 220 -15.13 16.36 37.11
C1 PEG E . -18.91 -1.70 -35.54
O1 PEG E . -20.17 -1.04 -35.45
C2 PEG E . -18.95 -2.85 -36.49
O2 PEG E . -17.63 -3.09 -36.94
C3 PEG E . -17.38 -2.50 -38.21
C4 PEG E . -15.90 -2.32 -38.45
O4 PEG E . -15.49 -0.99 -38.22
H11 PEG E . -18.14 -1.00 -35.84
H12 PEG E . -18.63 -2.06 -34.55
HO1 PEG E . -20.10 -0.36 -34.73
H21 PEG E . -19.37 -3.74 -36.01
H22 PEG E . -19.62 -2.62 -37.33
H31 PEG E . -17.81 -3.11 -39.00
H32 PEG E . -17.89 -1.53 -38.27
H41 PEG E . -15.27 -2.93 -37.80
H42 PEG E . -15.59 -2.54 -39.48
HO4 PEG E . -15.99 -0.42 -38.85
C1 PEG F . 5.63 -10.12 -12.98
O1 PEG F . 4.92 -9.83 -11.78
C2 PEG F . 4.75 -10.69 -14.03
O2 PEG F . 4.37 -12.02 -13.71
C3 PEG F . 5.40 -12.96 -13.92
C4 PEG F . 5.48 -13.94 -12.78
O4 PEG F . 6.81 -14.31 -12.52
H11 PEG F . 6.09 -9.20 -13.34
H12 PEG F . 6.45 -10.81 -12.76
HO1 PEG F . 5.18 -8.93 -11.47
H21 PEG F . 3.86 -10.06 -14.14
H22 PEG F . 5.26 -10.66 -14.98
H31 PEG F . 6.36 -12.44 -14.02
H32 PEG F . 5.24 -13.48 -14.86
H41 PEG F . 5.08 -13.56 -11.84
H42 PEG F . 4.95 -14.88 -12.98
HO4 PEG F . 7.33 -14.19 -13.35
C1 PEG G . -24.64 -19.14 -19.69
O1 PEG G . -24.80 -20.10 -18.63
C2 PEG G . -25.77 -18.18 -19.74
O2 PEG G . -26.08 -17.74 -18.43
C3 PEG G . -27.14 -16.79 -18.40
C4 PEG G . -27.60 -16.63 -16.98
O4 PEG G . -26.57 -16.13 -16.16
H11 PEG G . -24.57 -19.67 -20.64
H12 PEG G . -23.70 -18.61 -19.55
HO1 PEG G . -24.19 -20.85 -18.82
H21 PEG G . -25.51 -17.34 -20.37
H22 PEG G . -26.63 -18.65 -20.19
H31 PEG G . -26.80 -15.83 -18.80
H32 PEG G . -27.96 -17.11 -19.04
H41 PEG G . -28.43 -15.93 -16.86
H42 PEG G . -27.91 -17.57 -16.51
HO4 PEG G . -27.00 -15.65 -15.40
C1 PGE H . -25.86 -6.18 -13.44
O1 PGE H . -26.71 -6.81 -14.39
C2 PGE H . -24.84 -5.34 -14.18
O2 PGE H . -24.59 -4.15 -13.45
C3 PGE H . -23.24 -4.02 -13.02
C4 PGE H . -22.99 -2.57 -12.64
O4 PGE H . -25.08 -2.18 -9.11
C6 PGE H . -24.23 -1.12 -9.52
C5 PGE H . -23.18 -1.70 -10.46
O3 PGE H . -23.85 -2.23 -11.58
H1 PGE H . -26.43 -5.52 -12.77
H12 PGE H . -25.33 -6.92 -12.82
HO1 PGE H . -26.23 -7.56 -14.77
H2 PGE H . -23.91 -5.93 -14.31
H22 PGE H . -25.22 -5.10 -15.18
H3 PGE H . -23.03 -4.66 -12.16
H32 PGE H . -22.55 -4.30 -13.84
H4 PGE H . -21.94 -2.44 -12.35
H42 PGE H . -23.18 -1.92 -13.52
HO4 PGE H . -24.53 -2.86 -8.70
H6 PGE H . -23.72 -0.64 -8.67
H62 PGE H . -24.78 -0.34 -10.07
H5 PGE H . -22.62 -2.49 -9.92
H52 PGE H . -22.47 -0.92 -10.74
C1 EDO I . -16.96 -24.69 9.01
O1 EDO I . -15.59 -24.85 8.60
C2 EDO I . -17.64 -23.79 7.99
O2 EDO I . -19.06 -23.84 8.19
H11 EDO I . -17.46 -25.67 9.05
H12 EDO I . -17.01 -24.25 10.00
HO1 EDO I . -15.41 -25.79 8.47
H21 EDO I . -17.29 -22.77 8.11
H22 EDO I . -17.40 -24.12 6.98
HO2 EDO I . -19.50 -23.42 7.44
C1 PEG J . 8.14 -31.14 26.69
O1 PEG J . 8.66 -30.04 27.43
C2 PEG J . 8.69 -31.18 25.31
O2 PEG J . 9.86 -31.97 25.34
C3 PEG J . 10.02 -32.79 24.18
C4 PEG J . 11.33 -33.52 24.30
O4 PEG J . 11.24 -34.60 25.21
H11 PEG J . 8.38 -32.07 27.21
H12 PEG J . 7.05 -31.08 26.65
HO1 PEG J . 8.30 -30.11 28.35
H21 PEG J . 7.96 -31.60 24.61
H22 PEG J . 8.92 -30.18 24.96
H31 PEG J . 10.00 -32.18 23.28
H32 PEG J . 9.19 -33.49 24.09
H41 PEG J . 11.67 -33.98 23.37
H42 PEG J . 12.15 -32.91 24.66
HO4 PEG J . 11.56 -34.26 26.09
C1 PEG K . 15.04 -2.25 23.60
O1 PEG K . 15.08 -1.47 24.78
C2 PEG K . 16.16 -3.25 23.56
O2 PEG K . 16.50 -3.62 24.89
C3 PEG K . 16.62 -5.03 25.06
C4 PEG K . 17.57 -5.35 26.20
O4 PEG K . 17.15 -4.77 27.40
H11 PEG K . 15.10 -1.60 22.73
H12 PEG K . 14.09 -2.77 23.53
HO1 PEG K . 14.26 -1.66 25.30
H21 PEG K . 15.86 -4.11 22.99
H22 PEG K . 17.02 -2.81 23.06
H31 PEG K . 16.97 -5.49 24.13
H32 PEG K . 15.64 -5.46 25.25
H41 PEG K . 18.58 -4.99 26.04
H42 PEG K . 17.65 -6.43 26.40
HO4 PEG K . 16.50 -5.40 27.83
C1 PGE L . 20.25 -0.52 15.10
O1 PGE L . 20.05 0.72 14.44
C2 PGE L . 21.73 -0.79 15.28
O2 PGE L . 21.90 -1.80 16.27
C3 PGE L . 22.70 -2.90 15.89
C4 PGE L . 24.15 -2.64 16.24
O4 PGE L . 27.98 -2.81 13.60
C6 PGE L . 27.04 -1.84 14.07
C5 PGE L . 26.27 -2.38 15.26
O3 PGE L . 24.86 -2.27 15.07
H1 PGE L . 19.79 -0.53 16.10
H12 PGE L . 19.83 -1.36 14.52
HO1 PGE L . 19.42 1.24 14.95
H2 PGE L . 22.18 -1.11 14.33
H22 PGE L . 22.24 0.14 15.60
H3 PGE L . 22.37 -3.82 16.41
H32 PGE L . 22.62 -3.09 14.81
H4 PGE L . 24.20 -1.83 16.99
H42 PGE L . 24.59 -3.54 16.69
HO4 PGE L . 28.52 -3.10 14.34
H6 PGE L . 26.31 -1.59 13.28
H62 PGE L . 27.54 -0.91 14.38
H5 PGE L . 26.58 -1.82 16.15
H52 PGE L . 26.55 -3.44 15.40
C1 PGE M . 15.69 -29.39 1.61
O1 PGE M . 15.46 -27.99 1.62
C2 PGE M . 16.17 -29.82 2.98
O2 PGE M . 17.58 -29.79 3.02
C3 PGE M . 18.11 -30.13 4.29
C4 PGE M . 19.31 -29.24 4.57
O4 PGE M . 20.95 -28.88 1.09
C6 PGE M . 21.84 -28.35 2.07
C5 PGE M . 21.32 -28.74 3.44
O3 PGE M . 19.92 -28.92 3.33
H1 PGE M . 14.78 -29.95 1.38
H12 PGE M . 16.46 -29.66 0.88
HO1 PGE M . 14.55 -27.84 1.31
H2 PGE M . 15.74 -29.15 3.74
H22 PGE M . 15.80 -30.84 3.19
H3 PGE M . 17.37 -29.98 5.08
H32 PGE M . 18.43 -31.18 4.32
H4 PGE M . 18.97 -28.33 5.09
H42 PGE M . 20.01 -29.78 5.22
HO4 PGE M . 20.69 -29.76 1.37
H6 PGE M . 21.91 -27.26 2.01
H62 PGE M . 22.86 -28.77 1.95
H5 PGE M . 21.56 -27.94 4.16
H52 PGE M . 21.82 -29.66 3.77
C1 PEG N . 22.11 -0.19 -11.33
O1 PEG N . 22.18 -1.14 -10.25
C2 PEG N . 21.82 -0.86 -12.63
O2 PEG N . 22.77 -0.45 -13.61
C3 PEG N . 23.51 -1.52 -14.16
C4 PEG N . 22.73 -2.26 -15.22
O4 PEG N . 21.83 -3.19 -14.66
H11 PEG N . 21.34 0.55 -11.11
H12 PEG N . 23.06 0.35 -11.39
HO1 PEG N . 22.41 -0.64 -9.43
H21 PEG N . 21.86 -1.94 -12.51
H22 PEG N . 20.82 -0.62 -12.96
H31 PEG N . 24.44 -1.15 -14.60
H32 PEG N . 23.81 -2.21 -13.37
H41 PEG N . 22.11 -1.61 -15.84
H42 PEG N . 23.34 -2.84 -15.90
HO4 PEG N . 21.11 -3.35 -15.33
C1 PEG O . 2.65 3.82 -32.98
O1 PEG O . 1.88 3.88 -31.77
C2 PEG O . 3.78 2.85 -32.86
O2 PEG O . 4.79 3.18 -33.79
C3 PEG O . 5.03 2.16 -34.76
C4 PEG O . 5.92 1.10 -34.17
O4 PEG O . 5.74 -0.15 -34.80
H11 PEG O . 2.00 3.51 -33.80
H12 PEG O . 3.03 4.80 -33.22
HO1 PEG O . 2.28 4.59 -31.21
H21 PEG O . 4.18 2.87 -31.84
H22 PEG O . 3.43 1.83 -33.02
H31 PEG O . 5.49 2.59 -35.65
H32 PEG O . 4.09 1.74 -35.09
H41 PEG O . 6.99 1.31 -34.27
H42 PEG O . 5.74 0.90 -33.11
HO4 PEG O . 5.26 -0.74 -34.16
C1 PEG P . 16.27 24.11 -10.47
O1 PEG P . 15.96 25.46 -10.83
C2 PEG P . 15.70 23.75 -9.14
O2 PEG P . 16.52 22.77 -8.52
C3 PEG P . 15.91 22.15 -7.40
C4 PEG P . 15.97 23.05 -6.19
O4 PEG P . 15.32 22.46 -5.09
H11 PEG P . 15.89 23.43 -11.23
H12 PEG P . 17.36 23.98 -10.45
HO1 PEG P . 16.72 25.80 -11.39
H21 PEG P . 15.62 24.64 -8.52
H22 PEG P . 14.69 23.38 -9.27
H31 PEG P . 16.41 21.20 -7.19
H32 PEG P . 14.87 21.91 -7.63
H41 PEG P . 16.98 23.25 -5.85
H42 PEG P . 15.48 24.01 -6.33
HO4 PEG P . 14.44 22.92 -4.98
OH2 1PE Q . 3.88 13.95 2.12
C12 1PE Q . 3.34 14.27 0.83
C22 1PE Q . 3.05 13.06 0.02
OH3 1PE Q . 4.26 12.39 -0.34
C13 1PE Q . 6.53 12.61 -1.13
C23 1PE Q . 5.31 13.28 -0.63
OH4 1PE Q . 7.68 13.44 -0.95
C14 1PE Q . 8.63 15.57 -1.60
C24 1PE Q . 7.42 14.83 -1.11
OH5 1PE Q . 8.36 16.97 -1.70
C15 1PE Q . 6.71 18.56 -2.47
C25 1PE Q . 7.47 17.29 -2.77
OH6 1PE Q . 5.34 18.37 -2.82
C16 1PE Q . 3.28 18.52 -1.57
C26 1PE Q . 4.45 19.28 -2.17
OH7 1PE Q . 2.69 19.25 -0.51
HO2 1PE Q . 3.11 13.70 2.71
H121 1PE Q . 4.05 14.90 0.30
H122 1PE Q . 2.43 14.86 0.95
H221 1PE Q . 2.40 12.40 0.59
H222 1PE Q . 2.49 13.34 -0.86
H131 1PE Q . 6.65 11.66 -0.62
H132 1PE Q . 6.39 12.37 -2.19
H231 1PE Q . 4.97 14.02 -1.36
H232 1PE Q . 5.56 13.84 0.27
H141 1PE Q . 9.45 15.39 -0.91
H142 1PE Q . 8.93 15.16 -2.56
H241 1PE Q . 6.59 14.96 -1.80
H242 1PE Q . 7.09 15.24 -0.15
H151 1PE Q . 6.81 18.81 -1.41
H152 1PE Q . 7.14 19.38 -3.03
H251 1PE Q . 6.78 16.46 -2.92
H252 1PE Q . 8.04 17.39 -3.69
H161 1PE Q . 2.48 18.33 -2.28
H162 1PE Q . 3.56 17.57 -1.14
H261 1PE Q . 4.99 19.83 -1.40
H262 1PE Q . 4.10 20.02 -2.89
HO7 1PE Q . 2.36 18.58 0.15
C1 EDO R . 8.48 3.27 -1.89
O1 EDO R . 7.07 3.31 -1.63
C2 EDO R . 8.78 3.68 -3.33
O2 EDO R . 8.32 2.64 -4.22
H11 EDO R . 8.99 3.95 -1.20
H12 EDO R . 8.86 2.27 -1.70
HO1 EDO R . 6.87 2.85 -0.81
H21 EDO R . 8.27 4.62 -3.57
H22 EDO R . 9.85 3.83 -3.46
HO2 EDO R . 9.09 2.21 -4.62
OH2 1PE S . 1.98 13.42 10.09
C12 1PE S . 2.46 13.67 11.42
C22 1PE S . 1.57 14.61 12.16
OH3 1PE S . 2.33 15.20 13.22
C13 1PE S . 2.33 17.59 13.35
C23 1PE S . 3.00 16.38 12.80
OH4 1PE S . 2.58 18.72 12.53
C14 1PE S . 1.37 20.03 10.93
C24 1PE S . 1.43 19.53 12.34
OH5 1PE S . 0.01 20.07 10.50
C15 1PE S . -1.76 18.88 9.38
C25 1PE S . -0.34 18.86 9.84
OH6 1PE S . -1.91 18.31 8.08
C16 1PE S . -0.09 17.30 6.90
C26 1PE S . -1.23 17.08 7.85
OH7 1PE S . 0.83 16.22 6.92
HO2 1PE S . 2.67 12.88 9.63
H121 1PE S . 2.52 12.73 11.96
H122 1PE S . 3.46 14.08 11.37
H221 1PE S . 1.19 15.37 11.49
H222 1PE S . 0.71 14.08 12.56
H131 1PE S . 1.26 17.38 13.42
H132 1PE S . 2.67 17.75 14.37
H231 1PE S . 4.05 16.34 13.12
H232 1PE S . 3.03 16.43 11.71
H141 1PE S . 1.83 21.01 10.88
H142 1PE S . 1.97 19.38 10.29
H241 1PE S . 0.53 18.96 12.58
H242 1PE S . 1.45 20.37 13.04
H151 1PE S . -2.38 18.36 10.10
H152 1PE S . -2.11 19.92 9.38
H251 1PE S . 0.34 18.69 9.01
H252 1PE S . -0.18 18.03 10.53
H161 1PE S . -0.40 17.39 5.86
H162 1PE S . 0.51 18.18 7.12
H261 1PE S . -0.87 16.69 8.80
H262 1PE S . -1.92 16.34 7.47
HO7 1PE S . 0.87 15.86 6.00
C1 PGE T . -7.19 30.38 8.48
O1 PGE T . -6.14 29.97 7.61
C2 PGE T . -7.40 29.31 9.53
O2 PGE T . -8.77 29.26 9.89
C3 PGE T . -9.08 28.29 10.87
C4 PGE T . -9.51 26.99 10.20
O4 PGE T . -8.07 24.25 7.15
C6 PGE T . -9.07 24.84 7.97
C5 PGE T . -8.60 24.95 9.40
O3 PGE T . -8.37 26.31 9.72
H1 PGE T . -6.95 31.31 9.00
H12 PGE T . -8.13 30.51 7.94
HO1 PGE T . -5.82 30.75 7.14
H2 PGE T . -7.08 28.33 9.12
H22 PGE T . -6.77 29.52 10.42
H3 PGE T . -8.19 28.08 11.49
H32 PGE T . -9.89 28.63 11.53
H4 PGE T . -10.06 26.38 10.93
H42 PGE T . -10.21 27.23 9.38
HO4 PGE T . -7.31 24.00 7.70
H6 PGE T . -9.99 24.23 7.96
H62 PGE T . -9.34 25.85 7.62
H5 PGE T . -7.67 24.36 9.52
H52 PGE T . -9.36 24.51 10.07
C1 EDO U . -25.75 14.00 32.61
O1 EDO U . -26.62 14.21 33.73
C2 EDO U . -26.24 12.84 31.75
O2 EDO U . -25.31 12.60 30.69
H11 EDO U . -25.71 14.90 32.01
H12 EDO U . -24.74 13.79 32.97
HO1 EDO U . -26.46 15.09 34.10
H21 EDO U . -26.35 11.93 32.37
H22 EDO U . -27.23 13.07 31.33
HO2 EDO U . -25.54 11.78 30.23
#